data_6EZS
#
_entry.id   6EZS
#
_cell.length_a   91.250
_cell.length_b   129.630
_cell.length_c   100.000
_cell.angle_alpha   90.000
_cell.angle_beta   114.360
_cell.angle_gamma   90.000
#
_symmetry.space_group_name_H-M   'P 1 21 1'
#
loop_
_entity.id
_entity.type
_entity.pdbx_description
1 polymer 'Beta-N-acetylglucosaminidase Nag2'
2 non-polymer 2-acetamido-2-deoxy-beta-D-glucopyranose
3 non-polymer 'MALONATE ION'
4 water water
#
_entity_poly.entity_id   1
_entity_poly.type   'polypeptide(L)'
_entity_poly.pdbx_seq_one_letter_code
;MGGSEYRVDLVVLSEQKQNCRFGLTFHNLSDQDLNSWGLTFAFDRYILPDSVSNGQLTQIGSFCTLKPEGIVLAANHHYY
CEFSIGSNPFRYYSDGFNEAMIDFVVDGQPQRAQVDVTPIVLASPYRERSDIPASLTHAQPLLPKPNHIEVSDHSFTFDE
QAGVAIYTDLANSAKAWLLEELQRIHQFTLSSSNSGKIIFKSNPTLDEGAYKLKVSEESIKIEAGSSSGFTHACATLLQL
LKRDEATKTMEAVCCSIIDSPRFRYRGMMLDCARHFHSVEQVKRLINLLAHYKLNTFHWHLTDDEGWRVEIKSLPQLTEI
GAWRGIDETIEPQYTHLSQRYGGFYTQEEIRDVIAFAEQRGITIIPEIDVPGHCRAAIKSLPHLLIEAEDTTEYRSIQHY
NDNVINPALPGSYEFIDKVLEEIAALFPAPYVHIGADEVPNGVWSKSPACQALMEQLGYTDYKELQGHFLRHAEDKLRKL
GKRMLGWEEAQHGNKVSKDTVIYSWLSEEAALNCARQGFDVVLQPAQTTYLDMTQDYAPEEPGVDWANPLPLEKAYNYEP
LAEVPADDPIRKRIWGIQTALWCEIINNPSRMDYMIFPRLTAMAEACWTEKQHRDWTDYLSRLKGHLPLLDLQGVNYRKP
WKRSRSHHHHHH
;
_entity_poly.pdbx_strand_id   A,B
#
# COMPACT_ATOMS: atom_id res chain seq x y z
N SER A 4 8.91 32.89 -4.92
CA SER A 4 9.63 33.71 -3.91
C SER A 4 11.17 33.49 -3.96
N GLU A 5 11.86 33.94 -2.92
CA GLU A 5 13.33 33.89 -2.83
C GLU A 5 13.91 32.53 -2.48
N TYR A 6 13.08 31.67 -1.88
CA TYR A 6 13.53 30.41 -1.28
C TYR A 6 12.68 29.27 -1.76
N ARG A 7 13.33 28.21 -2.22
CA ARG A 7 12.63 27.08 -2.81
C ARG A 7 13.24 25.78 -2.34
N VAL A 8 12.37 24.81 -2.06
CA VAL A 8 12.79 23.48 -1.61
C VAL A 8 12.21 22.41 -2.55
N ASP A 9 13.06 21.48 -2.96
CA ASP A 9 12.67 20.41 -3.87
C ASP A 9 12.91 19.05 -3.23
N LEU A 10 11.86 18.24 -3.17
CA LEU A 10 11.92 16.88 -2.64
C LEU A 10 11.77 15.87 -3.76
N VAL A 11 12.68 14.90 -3.82
CA VAL A 11 12.74 13.90 -4.89
C VAL A 11 12.95 12.51 -4.28
N VAL A 12 12.19 11.52 -4.75
CA VAL A 12 12.36 10.14 -4.31
C VAL A 12 13.59 9.63 -5.04
N LEU A 13 14.59 9.18 -4.28
CA LEU A 13 15.86 8.65 -4.81
C LEU A 13 15.88 7.13 -4.94
N SER A 14 15.24 6.45 -4.00
CA SER A 14 15.25 5.00 -3.99
C SER A 14 13.95 4.42 -3.40
N GLU A 15 13.51 3.29 -3.92
CA GLU A 15 12.33 2.59 -3.40
C GLU A 15 12.58 1.11 -3.30
N GLN A 16 12.48 0.63 -2.06
CA GLN A 16 12.60 -0.78 -1.74
C GLN A 16 11.43 -1.15 -0.83
N LYS A 17 11.31 -2.43 -0.58
CA LYS A 17 10.34 -2.94 0.38
C LYS A 17 10.55 -2.31 1.78
N GLN A 18 9.51 -1.63 2.28
CA GLN A 18 9.49 -0.94 3.57
C GLN A 18 10.64 0.02 3.77
N ASN A 19 11.07 0.67 2.69
CA ASN A 19 12.17 1.64 2.76
C ASN A 19 12.21 2.56 1.57
N CYS A 20 12.38 3.85 1.84
CA CYS A 20 12.36 4.91 0.85
C CYS A 20 13.44 5.91 1.14
N ARG A 21 14.19 6.31 0.11
CA ARG A 21 15.17 7.39 0.26
C ARG A 21 14.73 8.61 -0.52
N PHE A 22 14.98 9.78 0.06
CA PHE A 22 14.61 11.08 -0.50
C PHE A 22 15.83 11.99 -0.61
N GLY A 23 15.81 12.84 -1.64
CA GLY A 23 16.81 13.88 -1.84
C GLY A 23 16.10 15.19 -1.58
N LEU A 24 16.58 15.95 -0.61
CA LEU A 24 16.08 17.27 -0.30
C LEU A 24 17.07 18.32 -0.81
N THR A 25 16.62 19.18 -1.72
CA THR A 25 17.45 20.31 -2.22
C THR A 25 16.83 21.66 -1.88
N PHE A 26 17.53 22.50 -1.13
CA PHE A 26 17.08 23.87 -0.83
C PHE A 26 17.89 24.94 -1.60
N HIS A 27 17.18 25.81 -2.30
CA HIS A 27 17.80 26.85 -3.12
C HIS A 27 17.66 28.25 -2.51
N ASN A 28 18.78 28.90 -2.22
CA ASN A 28 18.78 30.35 -1.98
C ASN A 28 18.83 31.10 -3.32
N LEU A 29 17.66 31.57 -3.76
CA LEU A 29 17.55 32.36 -4.98
C LEU A 29 17.53 33.86 -4.68
N SER A 30 17.77 34.24 -3.42
CA SER A 30 17.93 35.65 -3.06
C SER A 30 19.33 36.13 -3.48
N ASP A 31 19.49 37.45 -3.56
CA ASP A 31 20.79 38.06 -3.84
C ASP A 31 21.73 38.08 -2.63
N GLN A 32 21.15 38.00 -1.43
CA GLN A 32 21.89 38.05 -0.16
C GLN A 32 22.22 36.64 0.35
N ASP A 33 23.37 36.51 1.00
CA ASP A 33 23.73 35.27 1.72
C ASP A 33 22.81 35.05 2.93
N LEU A 34 22.59 33.77 3.25
CA LEU A 34 21.86 33.35 4.45
C LEU A 34 22.85 32.98 5.55
N ASN A 35 22.65 33.54 6.74
CA ASN A 35 23.54 33.33 7.87
C ASN A 35 22.78 32.77 9.06
N SER A 36 23.38 31.77 9.73
CA SER A 36 22.75 31.04 10.84
C SER A 36 21.34 30.57 10.46
N TRP A 37 21.27 29.90 9.31
CA TRP A 37 20.01 29.61 8.67
C TRP A 37 19.55 28.21 9.06
N GLY A 38 18.24 28.01 9.06
CA GLY A 38 17.66 26.71 9.40
C GLY A 38 16.34 26.52 8.68
N LEU A 39 16.06 25.28 8.28
CA LEU A 39 14.83 24.94 7.55
C LEU A 39 13.83 24.20 8.44
N THR A 40 12.57 24.61 8.40
CA THR A 40 11.47 23.79 8.96
C THR A 40 10.42 23.47 7.87
N PHE A 41 9.73 22.35 8.03
CA PHE A 41 8.67 21.90 7.13
C PHE A 41 7.72 20.92 7.79
N ALA A 42 6.51 20.79 7.25
CA ALA A 42 5.53 19.83 7.73
C ALA A 42 5.66 18.54 6.93
N PHE A 43 5.88 17.42 7.63
CA PHE A 43 6.02 16.10 6.98
C PHE A 43 5.36 15.04 7.87
N ASP A 44 4.47 14.26 7.26
CA ASP A 44 3.58 13.30 7.98
C ASP A 44 4.15 11.90 8.26
N ARG A 45 5.41 11.66 7.92
CA ARG A 45 6.03 10.35 8.11
C ARG A 45 7.21 10.49 9.02
N TYR A 46 7.54 9.42 9.73
CA TYR A 46 8.66 9.41 10.66
C TYR A 46 9.95 9.27 9.86
N ILE A 47 10.82 10.28 9.98
CA ILE A 47 12.11 10.27 9.31
C ILE A 47 13.12 9.55 10.19
N LEU A 48 13.85 8.60 9.62
CA LEU A 48 14.81 7.83 10.38
C LEU A 48 15.99 8.74 10.83
N PRO A 49 16.20 8.91 12.16
CA PRO A 49 17.16 9.95 12.61
C PRO A 49 18.64 9.76 12.22
N ASP A 50 19.07 8.52 12.05
CA ASP A 50 20.44 8.23 11.63
C ASP A 50 20.55 8.22 10.12
N SER A 51 19.41 8.32 9.42
CA SER A 51 19.40 8.38 7.95
C SER A 51 19.74 9.77 7.39
N VAL A 52 19.64 10.80 8.21
CA VAL A 52 19.88 12.18 7.79
C VAL A 52 21.37 12.42 7.48
N SER A 53 21.65 12.74 6.20
CA SER A 53 23.02 12.77 5.67
C SER A 53 23.78 14.08 5.88
N ASN A 54 23.08 15.20 5.93
CA ASN A 54 23.74 16.51 5.92
C ASN A 54 23.03 17.53 6.81
N GLY A 55 22.98 17.24 8.10
CA GLY A 55 22.34 18.13 9.06
C GLY A 55 21.73 17.35 10.20
N GLN A 56 21.18 18.08 11.17
CA GLN A 56 20.58 17.48 12.35
C GLN A 56 19.07 17.74 12.32
N LEU A 57 18.30 16.66 12.26
CA LEU A 57 16.86 16.73 12.18
C LEU A 57 16.20 16.48 13.53
N THR A 58 15.29 17.36 13.91
CA THR A 58 14.39 17.19 15.04
C THR A 58 12.96 17.09 14.50
N GLN A 59 12.19 16.13 15.00
CA GLN A 59 10.81 15.92 14.54
C GLN A 59 9.85 15.78 15.72
N ILE A 60 8.86 16.68 15.77
CA ILE A 60 7.80 16.64 16.76
C ILE A 60 6.49 16.57 16.01
N GLY A 61 5.91 15.37 15.95
CA GLY A 61 4.72 15.13 15.10
C GLY A 61 5.02 15.28 13.60
N SER A 62 4.23 16.12 12.94
CA SER A 62 4.53 16.56 11.58
C SER A 62 5.60 17.66 11.50
N PHE A 63 5.92 18.32 12.62
CA PHE A 63 6.82 19.49 12.64
C PHE A 63 8.31 19.11 12.63
N CYS A 64 8.97 19.35 11.50
CA CYS A 64 10.38 19.00 11.34
C CYS A 64 11.28 20.25 11.24
N THR A 65 12.37 20.27 12.00
CA THR A 65 13.39 21.33 11.90
C THR A 65 14.71 20.67 11.49
N LEU A 66 15.33 21.19 10.44
CA LEU A 66 16.62 20.69 9.99
C LEU A 66 17.70 21.79 10.16
N LYS A 67 18.66 21.54 11.05
CA LYS A 67 19.85 22.39 11.18
C LYS A 67 20.93 21.94 10.18
N PRO A 68 21.31 22.82 9.24
CA PRO A 68 22.36 22.47 8.29
C PRO A 68 23.76 22.43 8.93
N GLU A 69 24.59 21.51 8.43
CA GLU A 69 26.00 21.43 8.85
C GLU A 69 26.77 22.73 8.54
N GLY A 70 26.40 23.40 7.45
CA GLY A 70 26.95 24.72 7.10
C GLY A 70 26.29 25.90 7.83
N ILE A 71 27.11 26.70 8.48
CA ILE A 71 26.67 28.00 9.05
C ILE A 71 26.12 28.97 7.99
N VAL A 72 26.75 29.00 6.82
CA VAL A 72 26.42 29.98 5.78
C VAL A 72 25.95 29.29 4.50
N LEU A 73 24.91 29.85 3.86
CA LEU A 73 24.52 29.47 2.51
C LEU A 73 24.54 30.67 1.58
N ALA A 74 25.42 30.62 0.59
CA ALA A 74 25.63 31.75 -0.31
C ALA A 74 24.44 31.97 -1.22
N ALA A 75 24.41 33.13 -1.86
CA ALA A 75 23.37 33.48 -2.83
C ALA A 75 23.54 32.62 -4.09
N ASN A 76 22.41 32.19 -4.66
CA ASN A 76 22.39 31.30 -5.83
C ASN A 76 23.02 29.92 -5.58
N HIS A 77 23.08 29.51 -4.32
CA HIS A 77 23.66 28.24 -3.91
C HIS A 77 22.57 27.31 -3.38
N HIS A 78 22.95 26.04 -3.26
CA HIS A 78 22.03 24.97 -2.92
C HIS A 78 22.53 24.19 -1.71
N TYR A 79 21.61 23.88 -0.81
CA TYR A 79 21.89 22.97 0.29
C TYR A 79 21.22 21.63 -0.02
N TYR A 80 21.95 20.54 0.12
CA TYR A 80 21.45 19.19 -0.21
C TYR A 80 21.51 18.25 0.99
N CYS A 81 20.41 17.53 1.23
CA CYS A 81 20.33 16.52 2.30
C CYS A 81 19.53 15.29 1.85
N GLU A 82 19.92 14.13 2.34
CA GLU A 82 19.16 12.89 2.12
C GLU A 82 18.63 12.38 3.45
N PHE A 83 17.43 11.81 3.40
CA PHE A 83 16.84 11.11 4.54
C PHE A 83 16.06 9.92 4.01
N SER A 84 15.72 9.05 4.94
CA SER A 84 14.92 7.87 4.66
C SER A 84 13.75 7.73 5.64
N ILE A 85 12.84 6.87 5.26
CA ILE A 85 11.68 6.51 6.05
C ILE A 85 11.42 5.03 5.82
N GLY A 86 10.70 4.42 6.74
CA GLY A 86 10.28 3.03 6.57
C GLY A 86 8.91 3.02 5.97
N SER A 87 8.84 2.90 4.65
CA SER A 87 7.58 2.97 3.89
C SER A 87 7.71 2.43 2.48
N ASN A 88 6.64 1.77 2.04
CA ASN A 88 6.47 1.45 0.63
C ASN A 88 6.23 2.72 -0.18
N PRO A 89 6.24 2.63 -1.51
CA PRO A 89 6.28 3.88 -2.28
C PRO A 89 5.15 4.89 -2.04
N PHE A 90 5.54 6.18 -2.03
CA PHE A 90 4.62 7.32 -2.11
C PHE A 90 3.86 7.36 -3.46
N ARG A 91 2.55 7.47 -3.38
CA ARG A 91 1.69 7.56 -4.56
C ARG A 91 1.08 8.93 -4.83
N TYR A 92 1.17 9.86 -3.87
CA TYR A 92 0.42 11.12 -3.95
C TYR A 92 1.31 12.32 -3.66
N TYR A 93 1.10 13.40 -4.40
CA TYR A 93 1.79 14.66 -4.14
C TYR A 93 1.59 15.19 -2.71
N SER A 94 0.42 14.96 -2.11
CA SER A 94 0.17 15.37 -0.72
C SER A 94 1.09 14.68 0.32
N ASP A 95 1.67 13.55 -0.05
CA ASP A 95 2.72 12.90 0.75
C ASP A 95 3.97 13.75 0.95
N GLY A 96 4.20 14.73 0.08
CA GLY A 96 5.28 15.71 0.26
C GLY A 96 5.02 16.72 1.36
N PHE A 97 5.99 17.62 1.52
CA PHE A 97 5.93 18.69 2.50
C PHE A 97 4.73 19.57 2.21
N ASN A 98 3.85 19.79 3.18
CA ASN A 98 2.68 20.68 2.97
C ASN A 98 3.14 22.15 2.91
N GLU A 99 4.07 22.49 3.81
CA GLU A 99 4.65 23.82 3.87
C GLU A 99 6.08 23.75 4.34
N ALA A 100 6.83 24.80 4.04
CA ALA A 100 8.19 24.96 4.54
C ALA A 100 8.49 26.43 4.79
N MET A 101 9.52 26.66 5.60
CA MET A 101 9.97 28.01 5.89
C MET A 101 11.38 28.00 6.43
N ILE A 102 11.97 29.19 6.52
CA ILE A 102 13.35 29.29 7.04
C ILE A 102 13.47 30.32 8.16
N ASP A 103 14.50 30.13 8.97
CA ASP A 103 14.93 31.03 10.01
C ASP A 103 16.38 31.37 9.72
N PHE A 104 16.75 32.64 9.89
CA PHE A 104 18.12 33.13 9.64
C PHE A 104 18.36 34.43 10.39
N VAL A 105 19.61 34.89 10.36
CA VAL A 105 20.02 36.10 11.08
C VAL A 105 20.63 37.13 10.12
N VAL A 106 20.08 38.34 10.14
CA VAL A 106 20.70 39.51 9.48
C VAL A 106 21.01 40.56 10.54
N ASP A 107 22.27 40.99 10.60
CA ASP A 107 22.72 42.02 11.54
C ASP A 107 22.31 41.70 13.00
N GLY A 108 22.50 40.45 13.39
CA GLY A 108 22.17 39.96 14.74
C GLY A 108 20.69 39.79 15.07
N GLN A 109 19.81 40.02 14.09
CA GLN A 109 18.36 39.99 14.30
C GLN A 109 17.70 38.81 13.56
N PRO A 110 16.77 38.08 14.23
CA PRO A 110 16.13 36.91 13.61
C PRO A 110 15.09 37.27 12.55
N GLN A 111 15.14 36.54 11.44
CA GLN A 111 14.24 36.74 10.29
C GLN A 111 13.55 35.43 9.94
N ARG A 112 12.36 35.55 9.35
CA ARG A 112 11.57 34.41 8.89
C ARG A 112 11.10 34.63 7.46
N ALA A 113 11.13 33.57 6.64
CA ALA A 113 10.57 33.61 5.28
C ALA A 113 9.89 32.29 4.93
N GLN A 114 8.74 32.38 4.26
CA GLN A 114 8.09 31.22 3.66
C GLN A 114 8.93 30.69 2.48
N VAL A 115 8.98 29.37 2.32
CA VAL A 115 9.74 28.70 1.26
C VAL A 115 8.75 28.08 0.29
N ASP A 116 9.01 28.23 -1.00
CA ASP A 116 8.17 27.63 -2.02
C ASP A 116 8.52 26.14 -2.15
N VAL A 117 7.51 25.30 -2.00
CA VAL A 117 7.70 23.86 -1.99
C VAL A 117 7.25 23.31 -3.32
N THR A 118 8.21 22.82 -4.11
CA THR A 118 7.90 22.14 -5.36
C THR A 118 7.13 20.85 -5.05
N PRO A 119 6.16 20.50 -5.91
CA PRO A 119 5.53 19.21 -5.71
C PRO A 119 6.58 18.10 -5.72
N ILE A 120 6.40 17.11 -4.88
CA ILE A 120 7.36 16.02 -4.79
C ILE A 120 7.48 15.30 -6.16
N VAL A 121 8.70 14.98 -6.55
CA VAL A 121 8.90 14.17 -7.74
C VAL A 121 8.72 12.72 -7.35
N LEU A 122 7.55 12.16 -7.68
CA LEU A 122 7.26 10.77 -7.36
C LEU A 122 7.96 9.82 -8.33
N ALA A 123 8.42 8.71 -7.78
CA ALA A 123 8.98 7.61 -8.56
C ALA A 123 7.87 6.71 -9.16
N SER A 124 6.83 6.43 -8.35
CA SER A 124 5.88 5.35 -8.64
C SER A 124 4.38 5.69 -8.42
N PRO A 125 3.91 6.75 -9.10
CA PRO A 125 2.48 7.03 -9.06
C PRO A 125 1.65 5.89 -9.65
N TYR A 126 0.43 5.69 -9.16
CA TYR A 126 -0.53 4.76 -9.79
C TYR A 126 -0.74 5.17 -11.23
N ARG A 127 -0.71 4.21 -12.15
CA ARG A 127 -1.06 4.50 -13.57
C ARG A 127 -2.54 4.29 -13.84
N GLU A 128 -3.13 3.32 -13.15
CA GLU A 128 -4.59 3.09 -13.17
C GLU A 128 -5.41 4.29 -12.69
N ARG A 129 -6.67 4.35 -13.14
CA ARG A 129 -7.61 5.40 -12.76
C ARG A 129 -8.97 4.79 -12.47
N SER A 130 -9.63 5.26 -11.41
CA SER A 130 -10.98 4.82 -11.08
C SER A 130 -11.93 5.50 -12.05
N ASP A 131 -12.67 4.70 -12.81
CA ASP A 131 -13.59 5.20 -13.82
C ASP A 131 -15.01 4.99 -13.33
N ILE A 132 -15.83 6.03 -13.42
CA ILE A 132 -17.26 5.90 -13.16
C ILE A 132 -17.95 5.82 -14.53
N PRO A 133 -18.79 4.78 -14.74
CA PRO A 133 -19.47 4.68 -16.03
C PRO A 133 -20.49 5.82 -16.21
N ALA A 134 -20.66 6.26 -17.45
CA ALA A 134 -21.69 7.24 -17.79
C ALA A 134 -23.03 6.74 -17.27
N SER A 135 -23.86 7.66 -16.82
CA SER A 135 -25.12 7.32 -16.16
C SER A 135 -26.27 8.13 -16.72
N LEU A 136 -27.44 7.50 -16.75
CA LEU A 136 -28.70 8.24 -16.91
C LEU A 136 -29.00 9.02 -15.62
N THR A 137 -29.88 10.00 -15.74
CA THR A 137 -30.35 10.78 -14.60
C THR A 137 -31.68 10.18 -14.14
N HIS A 138 -31.75 9.77 -12.87
CA HIS A 138 -32.96 9.21 -12.29
C HIS A 138 -33.98 10.33 -12.01
N ALA A 139 -35.25 10.04 -12.28
CA ALA A 139 -36.34 11.02 -12.14
C ALA A 139 -36.59 11.45 -10.67
N GLN A 140 -36.51 10.47 -9.76
CA GLN A 140 -36.43 10.71 -8.29
C GLN A 140 -35.01 10.53 -7.69
N PRO A 141 -34.20 11.60 -7.62
CA PRO A 141 -32.84 11.52 -7.05
C PRO A 141 -32.81 11.49 -5.50
N LEU A 142 -33.18 10.35 -4.95
CA LEU A 142 -33.36 10.21 -3.52
C LEU A 142 -32.18 9.47 -2.92
N LEU A 143 -31.54 10.11 -1.95
CA LEU A 143 -30.37 9.58 -1.25
C LEU A 143 -30.55 9.84 0.24
N PRO A 144 -30.61 8.81 1.09
CA PRO A 144 -30.59 7.42 0.70
C PRO A 144 -31.87 6.95 -0.01
N LYS A 145 -31.75 5.85 -0.74
CA LYS A 145 -32.87 5.20 -1.39
C LYS A 145 -33.88 4.79 -0.32
N PRO A 146 -35.14 5.24 -0.46
CA PRO A 146 -36.19 4.68 0.40
C PRO A 146 -36.35 3.18 0.17
N ASN A 147 -36.69 2.46 1.23
CA ASN A 147 -36.83 1.01 1.16
C ASN A 147 -38.06 0.57 0.37
N HIS A 148 -39.04 1.46 0.25
CA HIS A 148 -40.20 1.22 -0.60
C HIS A 148 -40.72 2.52 -1.20
N ILE A 149 -40.70 2.59 -2.53
CA ILE A 149 -41.24 3.72 -3.29
C ILE A 149 -41.99 3.20 -4.53
N GLU A 150 -43.19 3.74 -4.76
CA GLU A 150 -44.02 3.41 -5.91
C GLU A 150 -44.41 4.73 -6.56
N VAL A 151 -44.08 4.87 -7.84
CA VAL A 151 -44.26 6.12 -8.56
C VAL A 151 -45.43 5.99 -9.51
N SER A 152 -46.34 6.96 -9.49
CA SER A 152 -47.47 7.04 -10.41
C SER A 152 -47.15 7.97 -11.57
N ASP A 153 -48.04 7.95 -12.56
CA ASP A 153 -47.86 8.70 -13.80
C ASP A 153 -48.02 10.22 -13.62
N HIS A 154 -48.93 10.61 -12.74
CA HIS A 154 -49.25 12.03 -12.52
C HIS A 154 -48.20 12.76 -11.67
N SER A 155 -48.36 14.08 -11.55
CA SER A 155 -47.55 14.92 -10.66
C SER A 155 -48.38 16.02 -9.98
N PHE A 156 -47.84 16.53 -8.87
CA PHE A 156 -48.46 17.58 -8.07
C PHE A 156 -47.67 18.86 -8.23
N THR A 157 -48.33 19.91 -8.72
CA THR A 157 -47.73 21.24 -8.85
C THR A 157 -48.40 22.17 -7.86
N PHE A 158 -47.60 22.86 -7.06
CA PHE A 158 -48.13 23.79 -6.06
C PHE A 158 -47.35 25.09 -6.00
N ASP A 159 -48.04 26.15 -5.61
CA ASP A 159 -47.46 27.48 -5.48
C ASP A 159 -47.12 27.75 -4.00
N GLU A 160 -46.63 28.96 -3.71
CA GLU A 160 -46.28 29.40 -2.36
C GLU A 160 -47.46 29.55 -1.36
N GLN A 161 -48.70 29.58 -1.88
CA GLN A 161 -49.90 29.64 -1.03
C GLN A 161 -50.58 28.27 -0.76
N ALA A 162 -49.90 27.18 -1.11
CA ALA A 162 -50.45 25.83 -0.92
C ALA A 162 -50.80 25.54 0.54
N GLY A 163 -49.98 26.04 1.45
CA GLY A 163 -50.23 25.94 2.89
C GLY A 163 -49.70 24.64 3.47
N VAL A 164 -49.29 24.68 4.74
CA VAL A 164 -48.82 23.49 5.46
C VAL A 164 -49.63 23.29 6.74
N ALA A 165 -50.29 22.14 6.82
CA ALA A 165 -51.14 21.81 7.96
C ALA A 165 -50.43 20.81 8.84
N ILE A 166 -50.52 20.99 10.16
CA ILE A 166 -49.86 20.13 11.13
C ILE A 166 -50.90 19.71 12.17
N TYR A 167 -51.02 18.40 12.39
CA TYR A 167 -52.01 17.84 13.31
C TYR A 167 -51.38 17.06 14.44
N THR A 168 -50.10 17.29 14.68
CA THR A 168 -49.37 16.65 15.77
C THR A 168 -48.15 17.47 16.12
N ASP A 169 -47.90 17.66 17.42
CA ASP A 169 -46.74 18.42 17.92
C ASP A 169 -45.41 17.75 17.61
N LEU A 170 -45.44 16.44 17.42
CA LEU A 170 -44.29 15.67 16.97
C LEU A 170 -43.66 16.20 15.68
N ALA A 171 -44.49 16.74 14.78
CA ALA A 171 -44.04 17.27 13.49
C ALA A 171 -43.58 18.73 13.46
N ASN A 172 -43.63 19.43 14.59
CA ASN A 172 -43.25 20.85 14.66
C ASN A 172 -41.83 21.15 14.17
N SER A 173 -40.88 20.37 14.67
CA SER A 173 -39.48 20.51 14.31
C SER A 173 -39.24 20.23 12.82
N ALA A 174 -39.74 19.10 12.34
CA ALA A 174 -39.61 18.74 10.93
C ALA A 174 -40.19 19.80 10.04
N LYS A 175 -41.36 20.31 10.43
CA LYS A 175 -42.11 21.29 9.64
C LYS A 175 -41.33 22.61 9.53
N ALA A 176 -40.87 23.14 10.65
CA ALA A 176 -40.00 24.33 10.67
C ALA A 176 -38.73 24.21 9.78
N TRP A 177 -38.17 23.01 9.73
CA TRP A 177 -36.93 22.71 9.01
C TRP A 177 -37.15 22.73 7.51
N LEU A 178 -38.18 21.99 7.07
CA LEU A 178 -38.61 22.01 5.68
C LEU A 178 -38.70 23.42 5.12
N LEU A 179 -39.42 24.28 5.84
CA LEU A 179 -39.66 25.66 5.40
C LEU A 179 -38.40 26.48 5.35
N GLU A 180 -37.57 26.32 6.38
CA GLU A 180 -36.26 26.93 6.40
C GLU A 180 -35.47 26.53 5.15
N GLU A 181 -35.42 25.23 4.86
CA GLU A 181 -34.60 24.73 3.76
C GLU A 181 -35.12 25.12 2.38
N LEU A 182 -36.45 25.13 2.22
CA LEU A 182 -37.09 25.58 0.99
C LEU A 182 -36.84 27.05 0.76
N GLN A 183 -36.78 27.83 1.85
CA GLN A 183 -36.44 29.25 1.76
C GLN A 183 -34.95 29.44 1.43
N ARG A 184 -34.09 28.79 2.21
CA ARG A 184 -32.64 28.92 2.08
C ARG A 184 -32.11 28.43 0.73
N ILE A 185 -32.62 27.29 0.27
CA ILE A 185 -32.13 26.67 -0.96
C ILE A 185 -32.78 27.29 -2.18
N HIS A 186 -34.11 27.31 -2.19
CA HIS A 186 -34.91 27.72 -3.37
C HIS A 186 -35.58 29.11 -3.29
N GLN A 187 -35.47 29.80 -2.14
CA GLN A 187 -36.18 31.08 -1.88
C GLN A 187 -37.71 30.93 -1.94
N PHE A 188 -38.17 29.72 -1.65
CA PHE A 188 -39.58 29.34 -1.77
C PHE A 188 -40.21 29.35 -0.38
N THR A 189 -41.18 30.23 -0.20
CA THR A 189 -41.81 30.51 1.09
C THR A 189 -43.17 29.82 1.24
N LEU A 190 -43.29 28.92 2.21
CA LEU A 190 -44.58 28.31 2.57
C LEU A 190 -44.98 28.77 3.96
N SER A 191 -46.28 28.73 4.23
CA SER A 191 -46.87 29.21 5.49
C SER A 191 -47.78 28.14 6.10
N SER A 192 -48.00 28.25 7.41
CA SER A 192 -48.90 27.32 8.09
C SER A 192 -50.34 27.68 7.81
N SER A 193 -51.09 26.67 7.38
CA SER A 193 -52.51 26.79 7.08
C SER A 193 -53.19 25.53 7.59
N ASN A 194 -54.20 25.72 8.43
CA ASN A 194 -55.05 24.64 8.91
C ASN A 194 -55.79 23.94 7.76
N SER A 195 -55.94 24.65 6.63
CA SER A 195 -56.55 24.13 5.41
C SER A 195 -55.52 23.88 4.29
N GLY A 196 -54.29 23.59 4.66
CA GLY A 196 -53.19 23.46 3.70
C GLY A 196 -53.15 22.18 2.89
N LYS A 197 -52.56 22.27 1.70
CA LYS A 197 -52.39 21.10 0.81
C LYS A 197 -51.28 20.15 1.24
N ILE A 198 -50.33 20.64 2.03
CA ILE A 198 -49.26 19.80 2.60
C ILE A 198 -49.61 19.47 4.05
N ILE A 199 -49.81 18.19 4.34
CA ILE A 199 -50.33 17.75 5.64
C ILE A 199 -49.35 16.86 6.41
N PHE A 200 -49.18 17.18 7.70
CA PHE A 200 -48.44 16.34 8.66
C PHE A 200 -49.42 15.65 9.62
N LYS A 201 -49.48 14.32 9.56
CA LYS A 201 -50.44 13.52 10.31
C LYS A 201 -49.72 12.49 11.17
N SER A 202 -50.25 12.25 12.36
CA SER A 202 -49.69 11.28 13.29
C SER A 202 -50.12 9.85 12.96
N ASN A 203 -49.18 8.90 13.05
CA ASN A 203 -49.47 7.48 12.92
C ASN A 203 -48.63 6.70 13.94
N PRO A 204 -49.23 6.33 15.09
CA PRO A 204 -48.54 5.58 16.16
C PRO A 204 -48.02 4.18 15.81
N THR A 205 -48.58 3.53 14.78
CA THR A 205 -48.12 2.19 14.36
C THR A 205 -46.67 2.19 13.83
N LEU A 206 -46.23 3.32 13.28
CA LEU A 206 -44.89 3.47 12.70
C LEU A 206 -43.81 3.50 13.78
N ASP A 207 -42.74 2.74 13.55
CA ASP A 207 -41.59 2.69 14.47
C ASP A 207 -40.74 3.96 14.36
N GLU A 208 -39.85 4.11 15.34
CA GLU A 208 -38.92 5.23 15.40
C GLU A 208 -38.18 5.44 14.08
N GLY A 209 -38.30 6.66 13.55
CA GLY A 209 -37.64 7.07 12.32
C GLY A 209 -38.37 6.70 11.05
N ALA A 210 -39.41 5.87 11.15
CA ALA A 210 -40.18 5.47 9.99
C ALA A 210 -41.19 6.54 9.63
N TYR A 211 -41.51 6.60 8.36
CA TYR A 211 -42.48 7.55 7.86
C TYR A 211 -43.19 6.98 6.64
N LYS A 212 -44.34 7.59 6.34
CA LYS A 212 -45.03 7.37 5.09
C LYS A 212 -45.13 8.75 4.46
N LEU A 213 -44.97 8.78 3.15
CA LEU A 213 -45.06 10.02 2.38
C LEU A 213 -45.79 9.70 1.08
N LYS A 214 -46.98 10.25 0.94
CA LYS A 214 -47.79 10.06 -0.25
C LYS A 214 -48.03 11.39 -0.94
N VAL A 215 -47.60 11.49 -2.19
CA VAL A 215 -47.91 12.62 -3.05
C VAL A 215 -49.11 12.24 -3.93
N SER A 216 -50.17 13.05 -3.85
CA SER A 216 -51.36 12.93 -4.71
C SER A 216 -51.46 14.17 -5.61
N GLU A 217 -52.43 14.19 -6.51
CA GLU A 217 -52.54 15.24 -7.53
C GLU A 217 -52.69 16.65 -6.99
N GLU A 218 -53.38 16.80 -5.85
CA GLU A 218 -53.61 18.11 -5.21
C GLU A 218 -53.25 18.16 -3.71
N SER A 219 -52.44 17.21 -3.26
CA SER A 219 -52.00 17.19 -1.86
C SER A 219 -50.78 16.29 -1.63
N ILE A 220 -50.07 16.60 -0.56
CA ILE A 220 -49.01 15.74 -0.02
C ILE A 220 -49.39 15.41 1.42
N LYS A 221 -49.42 14.13 1.76
CA LYS A 221 -49.62 13.70 3.14
C LYS A 221 -48.36 13.00 3.71
N ILE A 222 -47.86 13.51 4.83
CA ILE A 222 -46.75 12.90 5.54
C ILE A 222 -47.26 12.31 6.85
N GLU A 223 -46.99 11.03 7.06
CA GLU A 223 -47.35 10.33 8.29
C GLU A 223 -46.09 9.84 9.01
N ALA A 224 -46.07 9.96 10.33
CA ALA A 224 -45.00 9.41 11.16
C ALA A 224 -45.51 9.25 12.57
N GLY A 225 -44.82 8.44 13.37
CA GLY A 225 -45.11 8.26 14.80
C GLY A 225 -44.02 8.81 15.73
N SER A 226 -43.08 9.55 15.16
CA SER A 226 -41.96 10.07 15.93
C SER A 226 -41.43 11.33 15.26
N SER A 227 -40.80 12.19 16.06
CA SER A 227 -40.21 13.40 15.55
C SER A 227 -39.20 13.11 14.43
N SER A 228 -38.31 12.17 14.69
CA SER A 228 -37.29 11.76 13.75
C SER A 228 -37.87 11.29 12.42
N GLY A 229 -39.00 10.56 12.49
CA GLY A 229 -39.73 10.12 11.32
C GLY A 229 -40.19 11.26 10.42
N PHE A 230 -40.80 12.28 11.00
CA PHE A 230 -41.20 13.47 10.23
C PHE A 230 -39.97 14.20 9.65
N THR A 231 -38.87 14.21 10.41
CA THR A 231 -37.64 14.83 9.93
C THR A 231 -37.12 14.09 8.71
N HIS A 232 -37.13 12.76 8.76
CA HIS A 232 -36.64 11.94 7.64
C HIS A 232 -37.49 12.16 6.42
N ALA A 233 -38.80 12.15 6.62
CA ALA A 233 -39.80 12.46 5.58
C ALA A 233 -39.56 13.79 4.88
N CYS A 234 -39.18 14.81 5.65
CA CYS A 234 -38.92 16.15 5.09
C CYS A 234 -37.62 16.16 4.28
N ALA A 235 -36.62 15.39 4.72
CA ALA A 235 -35.39 15.21 3.93
C ALA A 235 -35.65 14.53 2.58
N THR A 236 -36.55 13.54 2.55
CA THR A 236 -36.99 12.93 1.29
C THR A 236 -37.70 13.90 0.37
N LEU A 237 -38.61 14.68 0.95
CA LEU A 237 -39.43 15.64 0.23
C LEU A 237 -38.60 16.74 -0.42
N LEU A 238 -37.53 17.19 0.24
CA LEU A 238 -36.57 18.12 -0.35
C LEU A 238 -35.88 17.63 -1.62
N GLN A 239 -35.57 16.34 -1.66
CA GLN A 239 -34.96 15.71 -2.82
C GLN A 239 -36.00 15.42 -3.90
N LEU A 240 -37.25 15.18 -3.48
CA LEU A 240 -38.35 14.86 -4.39
C LEU A 240 -38.88 16.09 -5.13
N LEU A 241 -38.82 17.26 -4.51
CA LEU A 241 -39.35 18.49 -5.12
C LEU A 241 -38.46 19.04 -6.26
N LYS A 242 -39.13 19.50 -7.32
CA LYS A 242 -38.47 20.14 -8.47
C LYS A 242 -39.04 21.53 -8.63
N ARG A 243 -38.16 22.53 -8.58
CA ARG A 243 -38.56 23.93 -8.73
C ARG A 243 -38.50 24.30 -10.19
N ASP A 244 -39.62 24.80 -10.70
CA ASP A 244 -39.68 25.37 -12.04
C ASP A 244 -39.26 26.83 -12.00
N GLU A 245 -38.50 27.25 -13.01
CA GLU A 245 -38.18 28.67 -13.23
C GLU A 245 -39.24 29.30 -14.15
N ALA A 246 -39.37 30.63 -14.04
CA ALA A 246 -40.45 31.41 -14.69
C ALA A 246 -41.88 30.99 -14.27
N THR A 247 -42.00 30.57 -13.01
CA THR A 247 -43.26 30.29 -12.32
C THR A 247 -42.83 30.01 -10.90
N LYS A 248 -43.30 30.79 -9.94
CA LYS A 248 -42.95 30.56 -8.53
C LYS A 248 -43.65 29.28 -8.02
N THR A 249 -43.18 28.14 -8.51
CA THR A 249 -43.85 26.84 -8.34
C THR A 249 -42.88 25.68 -8.12
N MET A 250 -43.43 24.64 -7.51
CA MET A 250 -42.71 23.43 -7.16
C MET A 250 -43.53 22.24 -7.63
N GLU A 251 -42.82 21.16 -7.93
CA GLU A 251 -43.43 19.96 -8.50
C GLU A 251 -42.89 18.72 -7.80
N ALA A 252 -43.81 17.84 -7.38
CA ALA A 252 -43.44 16.51 -6.89
C ALA A 252 -44.21 15.48 -7.69
N VAL A 253 -43.52 14.40 -8.03
CA VAL A 253 -44.15 13.27 -8.71
C VAL A 253 -45.13 12.59 -7.74
N CYS A 254 -46.29 12.18 -8.25
CA CYS A 254 -47.25 11.43 -7.47
C CYS A 254 -46.61 10.09 -7.15
N CYS A 255 -46.62 9.73 -5.88
CA CYS A 255 -45.93 8.54 -5.43
C CYS A 255 -46.39 8.12 -4.05
N SER A 256 -46.03 6.89 -3.68
CA SER A 256 -46.30 6.35 -2.36
C SER A 256 -44.98 5.81 -1.81
N ILE A 257 -44.55 6.37 -0.68
CA ILE A 257 -43.29 6.02 -0.04
C ILE A 257 -43.59 5.49 1.35
N ILE A 258 -43.04 4.33 1.67
CA ILE A 258 -43.05 3.77 3.03
C ILE A 258 -41.60 3.43 3.35
N ASP A 259 -41.07 3.95 4.46
CA ASP A 259 -39.64 3.97 4.66
C ASP A 259 -39.28 3.83 6.13
N SER A 260 -38.15 3.17 6.38
CA SER A 260 -37.73 2.87 7.75
C SER A 260 -36.21 2.72 7.78
N PRO A 261 -35.54 3.19 8.84
CA PRO A 261 -34.08 3.13 8.91
C PRO A 261 -33.54 1.72 9.20
N ARG A 262 -32.55 1.29 8.43
CA ARG A 262 -31.94 -0.02 8.69
C ARG A 262 -31.27 -0.09 10.06
N PHE A 263 -30.46 0.91 10.41
CA PHE A 263 -29.75 0.94 11.70
C PHE A 263 -30.18 2.12 12.56
N ARG A 264 -30.16 1.92 13.88
CA ARG A 264 -30.54 2.96 14.83
C ARG A 264 -29.54 4.14 14.85
N TYR A 265 -28.24 3.83 14.82
CA TYR A 265 -27.18 4.86 14.87
C TYR A 265 -26.66 5.09 13.45
N ARG A 266 -26.73 6.34 12.99
CA ARG A 266 -26.27 6.70 11.63
C ARG A 266 -25.47 8.00 11.78
N GLY A 267 -24.16 7.85 11.90
CA GLY A 267 -23.31 8.93 12.35
C GLY A 267 -22.19 9.39 11.42
N MET A 268 -21.65 10.55 11.77
CA MET A 268 -20.51 11.13 11.09
C MET A 268 -19.66 11.79 12.14
N MET A 269 -18.36 11.48 12.13
CA MET A 269 -17.41 12.09 13.05
C MET A 269 -16.64 13.15 12.30
N LEU A 270 -16.46 14.32 12.93
CA LEU A 270 -15.61 15.36 12.38
C LEU A 270 -14.50 15.66 13.33
N ASP A 271 -13.28 15.58 12.81
CA ASP A 271 -12.05 15.98 13.50
C ASP A 271 -11.86 17.50 13.48
N CYS A 272 -12.12 18.16 14.61
CA CYS A 272 -11.90 19.60 14.79
C CYS A 272 -10.62 19.95 15.58
N ALA A 273 -9.89 18.95 16.03
CA ALA A 273 -8.65 19.18 16.77
C ALA A 273 -7.48 19.42 15.84
N ARG A 274 -7.34 18.60 14.81
CA ARG A 274 -6.24 18.75 13.86
C ARG A 274 -6.27 20.10 13.16
N HIS A 275 -7.47 20.49 12.74
CA HIS A 275 -7.72 21.82 12.24
C HIS A 275 -9.09 22.27 12.76
N PHE A 276 -9.18 23.55 13.09
CA PHE A 276 -10.36 24.12 13.64
C PHE A 276 -11.28 24.54 12.50
N HIS A 277 -12.56 24.17 12.60
CA HIS A 277 -13.57 24.54 11.63
C HIS A 277 -14.53 25.41 12.38
N SER A 278 -14.86 26.58 11.82
CA SER A 278 -15.71 27.56 12.51
C SER A 278 -17.12 27.05 12.82
N VAL A 279 -17.76 27.68 13.79
CA VAL A 279 -19.17 27.41 14.14
C VAL A 279 -20.09 27.37 12.92
N GLU A 280 -19.96 28.34 12.02
CA GLU A 280 -20.78 28.37 10.79
C GLU A 280 -20.55 27.15 9.89
N GLN A 281 -19.30 26.69 9.82
CA GLN A 281 -18.96 25.49 9.06
C GLN A 281 -19.53 24.22 9.68
N VAL A 282 -19.41 24.09 10.99
CA VAL A 282 -19.97 22.95 11.72
C VAL A 282 -21.50 22.89 11.54
N LYS A 283 -22.16 24.05 11.72
CA LYS A 283 -23.60 24.13 11.50
C LYS A 283 -23.96 23.65 10.12
N ARG A 284 -23.25 24.18 9.13
CA ARG A 284 -23.51 23.86 7.73
C ARG A 284 -23.42 22.33 7.44
N LEU A 285 -22.40 21.68 8.01
CA LEU A 285 -22.24 20.24 7.84
C LEU A 285 -23.37 19.46 8.51
N ILE A 286 -23.70 19.83 9.75
CA ILE A 286 -24.77 19.19 10.52
C ILE A 286 -26.09 19.18 9.76
N ASN A 287 -26.43 20.29 9.12
CA ASN A 287 -27.65 20.40 8.33
C ASN A 287 -27.60 19.51 7.08
N LEU A 288 -26.47 19.53 6.39
CA LEU A 288 -26.21 18.54 5.30
C LEU A 288 -26.32 17.08 5.77
N LEU A 289 -25.86 16.79 6.98
CA LEU A 289 -26.01 15.43 7.53
C LEU A 289 -27.47 15.02 7.61
N ALA A 290 -28.31 15.94 8.09
CA ALA A 290 -29.74 15.72 8.19
C ALA A 290 -30.39 15.47 6.83
N HIS A 291 -29.87 16.10 5.78
CA HIS A 291 -30.38 15.84 4.41
C HIS A 291 -30.31 14.37 3.97
N TYR A 292 -29.32 13.62 4.48
CA TYR A 292 -29.15 12.20 4.12
C TYR A 292 -29.57 11.28 5.27
N LYS A 293 -30.41 11.83 6.16
CA LYS A 293 -31.04 11.12 7.28
C LYS A 293 -30.07 10.55 8.33
N LEU A 294 -28.88 11.15 8.45
CA LEU A 294 -27.99 10.83 9.57
C LEU A 294 -28.57 11.50 10.85
N ASN A 295 -28.38 10.83 11.99
CA ASN A 295 -28.94 11.31 13.28
C ASN A 295 -27.91 11.65 14.36
N THR A 296 -26.64 11.43 14.07
CA THR A 296 -25.61 11.61 15.07
C THR A 296 -24.41 12.36 14.48
N PHE A 297 -24.05 13.44 15.14
CA PHE A 297 -22.80 14.12 14.93
C PHE A 297 -21.89 13.80 16.12
N HIS A 298 -20.73 13.22 15.81
CA HIS A 298 -19.68 12.91 16.78
C HIS A 298 -18.60 13.96 16.63
N TRP A 299 -18.47 14.80 17.65
CA TRP A 299 -17.58 15.95 17.64
C TRP A 299 -16.21 15.60 18.31
N HIS A 300 -15.21 15.39 17.47
CA HIS A 300 -13.87 15.10 17.92
C HIS A 300 -13.19 16.42 18.29
N LEU A 301 -13.30 16.80 19.56
CA LEU A 301 -12.96 18.13 20.06
C LEU A 301 -11.53 18.30 20.59
N THR A 302 -10.89 17.19 20.95
CA THR A 302 -9.57 17.22 21.59
C THR A 302 -8.65 16.20 20.92
N ASP A 303 -7.40 16.58 20.79
CA ASP A 303 -6.37 15.67 20.29
C ASP A 303 -5.02 16.26 20.66
N ASP A 304 -3.94 15.69 20.13
CA ASP A 304 -2.58 16.21 20.36
C ASP A 304 -2.35 17.63 19.84
N GLU A 305 -2.96 17.94 18.70
CA GLU A 305 -2.72 19.16 17.95
C GLU A 305 -3.66 20.28 18.31
N GLY A 306 -4.65 20.02 19.17
CA GLY A 306 -5.55 21.08 19.66
C GLY A 306 -6.57 20.65 20.70
N TRP A 307 -6.97 21.60 21.54
CA TRP A 307 -8.10 21.45 22.47
C TRP A 307 -9.11 22.54 22.13
N ARG A 308 -10.31 22.15 21.71
CA ARG A 308 -11.28 23.06 21.09
C ARG A 308 -12.55 23.33 21.91
N VAL A 309 -12.59 22.87 23.15
CA VAL A 309 -13.77 23.03 23.99
C VAL A 309 -13.45 23.81 25.28
N GLU A 310 -14.16 24.93 25.45
CA GLU A 310 -13.98 25.82 26.59
C GLU A 310 -14.40 25.13 27.87
N ILE A 311 -13.47 25.04 28.80
CA ILE A 311 -13.72 24.57 30.17
C ILE A 311 -13.48 25.78 31.08
N LYS A 312 -14.52 26.25 31.74
CA LYS A 312 -14.44 27.43 32.61
C LYS A 312 -13.53 27.23 33.82
N SER A 313 -13.62 26.06 34.45
CA SER A 313 -12.76 25.70 35.58
C SER A 313 -11.28 25.57 35.21
N LEU A 314 -10.97 25.36 33.92
CA LEU A 314 -9.59 25.23 33.43
C LEU A 314 -9.38 26.09 32.17
N PRO A 315 -9.31 27.44 32.34
CA PRO A 315 -9.19 28.40 31.22
C PRO A 315 -8.01 28.16 30.26
N GLN A 316 -6.93 27.60 30.80
CA GLN A 316 -5.68 27.36 30.06
C GLN A 316 -5.85 26.40 28.87
N LEU A 317 -6.82 25.48 28.92
CA LEU A 317 -7.02 24.52 27.85
C LEU A 317 -7.35 25.18 26.51
N THR A 318 -8.17 26.23 26.53
CA THR A 318 -8.46 26.99 25.32
C THR A 318 -7.52 28.20 25.13
N GLU A 319 -7.09 28.84 26.23
CA GLU A 319 -6.17 29.97 26.14
C GLU A 319 -4.76 29.61 25.64
N ILE A 320 -4.25 28.44 26.06
CA ILE A 320 -3.01 27.85 25.54
C ILE A 320 -3.32 26.77 24.49
N GLY A 321 -4.08 25.76 24.90
CA GLY A 321 -4.27 24.55 24.09
C GLY A 321 -5.02 24.67 22.78
N ALA A 322 -5.78 25.75 22.60
CA ALA A 322 -6.44 26.02 21.32
C ALA A 322 -5.56 26.66 20.25
N TRP A 323 -4.28 26.93 20.56
CA TRP A 323 -3.40 27.67 19.64
C TRP A 323 -2.05 26.99 19.48
N ARG A 324 -1.48 27.11 18.30
CA ARG A 324 -0.17 26.57 18.02
C ARG A 324 0.55 27.44 17.01
N GLY A 325 1.88 27.36 17.06
CA GLY A 325 2.74 28.27 16.32
C GLY A 325 4.13 28.30 16.92
N ILE A 326 5.06 28.91 16.18
CA ILE A 326 6.46 29.07 16.60
C ILE A 326 6.61 29.87 17.89
N ASP A 327 5.73 30.84 18.10
CA ASP A 327 5.74 31.65 19.33
C ASP A 327 4.86 31.06 20.44
N GLU A 328 4.00 30.11 20.08
CA GLU A 328 3.07 29.49 21.04
C GLU A 328 3.78 28.36 21.77
N THR A 329 3.17 27.94 22.86
CA THR A 329 3.68 26.84 23.67
C THR A 329 3.65 25.54 22.87
N ILE A 330 2.55 25.33 22.15
CA ILE A 330 2.38 24.17 21.27
C ILE A 330 2.95 24.46 19.88
N GLU A 331 3.78 23.54 19.40
CA GLU A 331 4.40 23.69 18.08
C GLU A 331 3.39 23.64 16.93
N PRO A 332 3.71 24.29 15.79
CA PRO A 332 2.86 24.17 14.61
C PRO A 332 2.77 22.73 14.13
N GLN A 333 1.68 22.41 13.45
CA GLN A 333 1.47 21.09 12.87
C GLN A 333 0.69 21.23 11.57
N TYR A 334 1.10 20.43 10.59
CA TYR A 334 0.41 20.22 9.32
C TYR A 334 0.47 21.40 8.35
N THR A 335 -0.08 22.54 8.77
CA THR A 335 -0.19 23.75 7.96
C THR A 335 0.02 24.97 8.87
N HIS A 336 -0.05 26.17 8.27
CA HIS A 336 0.03 27.44 8.99
C HIS A 336 1.25 27.53 9.87
N LEU A 337 2.40 27.11 9.33
CA LEU A 337 3.65 27.09 10.10
C LEU A 337 4.11 28.47 10.54
N SER A 338 3.87 29.47 9.68
CA SER A 338 4.35 30.84 9.89
C SER A 338 3.52 31.65 10.89
N GLN A 339 2.25 31.29 11.05
CA GLN A 339 1.32 32.05 11.88
C GLN A 339 1.02 31.37 13.23
N ARG A 340 0.16 32.02 14.00
CA ARG A 340 -0.45 31.45 15.19
C ARG A 340 -1.78 30.82 14.77
N TYR A 341 -1.87 29.49 14.76
CA TYR A 341 -3.06 28.81 14.26
C TYR A 341 -3.93 28.25 15.40
N GLY A 342 -5.24 28.41 15.24
CA GLY A 342 -6.17 27.86 16.19
C GLY A 342 -7.61 28.36 16.20
N GLY A 343 -8.25 28.17 17.35
CA GLY A 343 -9.65 28.45 17.54
C GLY A 343 -10.25 27.49 18.55
N PHE A 344 -11.37 27.87 19.12
CA PHE A 344 -12.10 27.00 20.03
C PHE A 344 -13.58 27.37 20.03
N TYR A 345 -14.41 26.44 20.48
CA TYR A 345 -15.83 26.69 20.64
C TYR A 345 -16.12 27.06 22.08
N THR A 346 -16.80 28.20 22.27
CA THR A 346 -17.25 28.62 23.59
C THR A 346 -18.41 27.73 23.99
N GLN A 347 -18.68 27.68 25.29
CA GLN A 347 -19.85 26.94 25.77
C GLN A 347 -21.14 27.53 25.21
N GLU A 348 -21.18 28.86 25.03
CA GLU A 348 -22.33 29.56 24.44
C GLU A 348 -22.51 29.18 22.97
N GLU A 349 -21.40 29.09 22.24
CA GLU A 349 -21.43 28.62 20.84
C GLU A 349 -21.84 27.16 20.73
N ILE A 350 -21.31 26.30 21.60
CA ILE A 350 -21.68 24.88 21.66
C ILE A 350 -23.16 24.69 21.98
N ARG A 351 -23.69 25.49 22.90
CA ARG A 351 -25.14 25.51 23.21
C ARG A 351 -25.97 25.85 21.96
N ASP A 352 -25.50 26.84 21.21
CA ASP A 352 -26.12 27.24 19.96
C ASP A 352 -26.06 26.14 18.87
N VAL A 353 -24.94 25.41 18.82
CA VAL A 353 -24.78 24.28 17.88
C VAL A 353 -25.68 23.10 18.26
N ILE A 354 -25.75 22.78 19.56
CA ILE A 354 -26.64 21.70 20.07
C ILE A 354 -28.11 21.96 19.73
N ALA A 355 -28.56 23.19 19.96
CA ALA A 355 -29.94 23.59 19.67
C ALA A 355 -30.21 23.49 18.19
N PHE A 356 -29.27 24.03 17.39
CA PHE A 356 -29.32 23.94 15.92
C PHE A 356 -29.45 22.50 15.42
N ALA A 357 -28.63 21.61 15.98
CA ALA A 357 -28.64 20.20 15.59
C ALA A 357 -29.95 19.51 15.96
N GLU A 358 -30.47 19.81 17.14
CA GLU A 358 -31.73 19.24 17.65
C GLU A 358 -32.93 19.53 16.74
N GLN A 359 -32.92 20.70 16.11
CA GLN A 359 -33.95 21.10 15.15
C GLN A 359 -34.01 20.21 13.89
N ARG A 360 -32.93 19.47 13.64
CA ARG A 360 -32.81 18.53 12.53
C ARG A 360 -32.70 17.11 13.01
N GLY A 361 -33.16 16.85 14.23
CA GLY A 361 -33.06 15.53 14.84
C GLY A 361 -31.65 14.97 14.96
N ILE A 362 -30.66 15.82 15.24
CA ILE A 362 -29.27 15.38 15.33
C ILE A 362 -28.79 15.46 16.77
N THR A 363 -28.41 14.29 17.30
CA THR A 363 -27.70 14.16 18.57
C THR A 363 -26.21 14.46 18.40
N ILE A 364 -25.64 15.23 19.31
CA ILE A 364 -24.20 15.48 19.34
C ILE A 364 -23.52 14.70 20.48
N ILE A 365 -22.51 13.91 20.12
CA ILE A 365 -21.68 13.18 21.10
C ILE A 365 -20.28 13.85 21.20
N PRO A 366 -19.90 14.33 22.37
CA PRO A 366 -18.59 14.92 22.51
C PRO A 366 -17.54 13.86 22.79
N GLU A 367 -16.31 14.12 22.33
CA GLU A 367 -15.18 13.22 22.59
C GLU A 367 -14.06 13.97 23.25
N ILE A 368 -13.62 13.43 24.37
CA ILE A 368 -12.51 13.93 25.16
C ILE A 368 -11.52 12.77 25.25
N ASP A 369 -10.36 12.92 24.61
CA ASP A 369 -9.34 11.86 24.52
C ASP A 369 -8.39 11.75 25.71
N VAL A 370 -8.46 10.62 26.40
CA VAL A 370 -7.53 10.25 27.49
C VAL A 370 -7.31 8.72 27.47
N PRO A 371 -6.20 8.20 28.03
CA PRO A 371 -5.04 8.96 28.53
C PRO A 371 -4.11 9.42 27.42
N GLY A 372 -4.16 8.74 26.29
CA GLY A 372 -3.42 9.11 25.11
C GLY A 372 -4.09 10.22 24.33
N HIS A 373 -3.39 10.64 23.28
CA HIS A 373 -3.78 11.78 22.46
C HIS A 373 -4.07 13.06 23.28
N CYS A 374 -3.27 13.28 24.32
CA CYS A 374 -3.57 14.33 25.30
C CYS A 374 -2.52 15.45 25.33
N ARG A 375 -1.76 15.60 24.25
CA ARG A 375 -0.65 16.55 24.23
C ARG A 375 -1.06 18.01 24.47
N ALA A 376 -2.15 18.43 23.83
CA ALA A 376 -2.61 19.81 23.92
C ALA A 376 -2.99 20.15 25.35
N ALA A 377 -3.67 19.22 26.01
CA ALA A 377 -3.99 19.34 27.44
C ALA A 377 -2.76 19.38 28.34
N ILE A 378 -1.75 18.57 28.05
CA ILE A 378 -0.54 18.48 28.89
C ILE A 378 0.30 19.76 28.83
N LYS A 379 0.39 20.35 27.64
CA LYS A 379 1.07 21.63 27.45
C LYS A 379 0.32 22.80 28.08
N SER A 380 -1.00 22.65 28.22
CA SER A 380 -1.85 23.65 28.85
C SER A 380 -1.78 23.63 30.37
N LEU A 381 -1.65 22.44 30.96
CA LEU A 381 -1.64 22.25 32.40
C LEU A 381 -0.42 21.45 32.89
N PRO A 382 0.80 21.99 32.67
CA PRO A 382 2.04 21.29 33.03
C PRO A 382 2.19 20.98 34.52
N HIS A 383 1.87 21.95 35.37
CA HIS A 383 1.95 21.75 36.83
C HIS A 383 1.04 20.62 37.32
N LEU A 384 -0.15 20.55 36.74
CA LEU A 384 -1.15 19.51 37.05
C LEU A 384 -0.83 18.13 36.45
N LEU A 385 -0.37 18.10 35.20
CA LEU A 385 -0.33 16.87 34.39
C LEU A 385 1.06 16.28 34.07
N ILE A 386 2.12 16.98 34.44
CA ILE A 386 3.49 16.49 34.21
C ILE A 386 4.15 15.96 35.50
N GLU A 387 4.76 14.79 35.40
CA GLU A 387 5.65 14.24 36.42
C GLU A 387 7.08 14.49 35.93
N ALA A 388 7.77 15.41 36.60
CA ALA A 388 9.15 15.77 36.23
C ALA A 388 10.16 14.61 36.33
N GLU A 389 9.92 13.69 37.27
CA GLU A 389 10.80 12.54 37.53
C GLU A 389 10.64 11.38 36.51
N ASP A 390 9.61 11.45 35.66
CA ASP A 390 9.40 10.48 34.59
C ASP A 390 10.48 10.64 33.53
N THR A 391 11.19 9.55 33.25
CA THR A 391 12.28 9.52 32.25
C THR A 391 11.96 8.57 31.09
N THR A 392 10.72 8.08 31.04
CA THR A 392 10.31 7.06 30.08
C THR A 392 10.43 7.56 28.66
N GLU A 393 11.12 6.79 27.82
CA GLU A 393 11.25 7.07 26.40
C GLU A 393 10.22 6.22 25.67
N TYR A 394 9.35 6.91 24.93
CA TYR A 394 8.32 6.28 24.13
C TYR A 394 7.98 7.14 22.92
N ARG A 395 7.47 6.52 21.88
CA ARG A 395 6.97 7.27 20.74
C ARG A 395 5.55 6.86 20.35
N SER A 396 4.66 7.84 20.24
CA SER A 396 3.33 7.57 19.75
C SER A 396 3.34 7.27 18.25
N ILE A 397 2.22 6.75 17.78
CA ILE A 397 2.00 6.49 16.37
C ILE A 397 2.06 7.77 15.53
N GLN A 398 1.75 8.92 16.15
CA GLN A 398 1.81 10.24 15.50
C GLN A 398 3.12 11.00 15.81
N HIS A 399 4.17 10.28 16.19
CA HIS A 399 5.54 10.81 16.37
C HIS A 399 5.68 11.84 17.50
N TYR A 400 5.11 11.48 18.66
CA TYR A 400 5.16 12.30 19.87
C TYR A 400 5.74 11.48 20.99
N ASN A 401 6.57 12.11 21.82
CA ASN A 401 7.13 11.43 22.96
C ASN A 401 6.66 11.97 24.31
N ASP A 402 5.67 12.87 24.29
CA ASP A 402 5.29 13.61 25.52
C ASP A 402 3.78 13.88 25.63
N ASN A 403 2.97 12.95 25.12
CA ASN A 403 1.54 13.20 24.92
C ASN A 403 0.57 12.37 25.75
N VAL A 404 1.07 11.60 26.70
CA VAL A 404 0.21 10.66 27.43
C VAL A 404 0.01 11.11 28.88
N ILE A 405 -1.26 11.13 29.32
CA ILE A 405 -1.64 11.45 30.70
C ILE A 405 -1.02 10.45 31.67
N ASN A 406 -0.69 10.91 32.87
CA ASN A 406 -0.13 10.06 33.91
C ASN A 406 -1.20 9.61 34.90
N PRO A 407 -1.53 8.30 34.93
CA PRO A 407 -2.57 7.77 35.82
C PRO A 407 -2.19 7.67 37.29
N ALA A 408 -0.95 7.97 37.65
CA ALA A 408 -0.53 8.03 39.03
C ALA A 408 -0.57 9.43 39.63
N LEU A 409 -0.70 10.45 38.79
CA LEU A 409 -0.77 11.85 39.28
C LEU A 409 -2.17 12.21 39.72
N PRO A 410 -2.33 12.82 40.91
CA PRO A 410 -3.67 13.25 41.35
C PRO A 410 -4.26 14.35 40.46
N GLY A 411 -3.39 15.19 39.91
CA GLY A 411 -3.80 16.23 38.96
C GLY A 411 -4.51 15.71 37.72
N SER A 412 -4.13 14.52 37.26
CA SER A 412 -4.78 13.86 36.12
C SER A 412 -6.24 13.59 36.42
N TYR A 413 -6.50 13.22 37.67
CA TYR A 413 -7.86 12.95 38.13
C TYR A 413 -8.65 14.24 38.36
N GLU A 414 -7.98 15.29 38.83
CA GLU A 414 -8.60 16.62 38.97
C GLU A 414 -9.02 17.14 37.60
N PHE A 415 -8.09 17.07 36.64
CA PHE A 415 -8.31 17.48 35.25
C PHE A 415 -9.50 16.75 34.62
N ILE A 416 -9.47 15.42 34.62
CA ILE A 416 -10.52 14.65 33.95
C ILE A 416 -11.90 14.80 34.61
N ASP A 417 -11.97 14.86 35.94
CA ASP A 417 -13.22 15.14 36.66
C ASP A 417 -13.83 16.50 36.29
N LYS A 418 -12.99 17.54 36.32
CA LYS A 418 -13.42 18.90 35.98
C LYS A 418 -13.94 19.04 34.54
N VAL A 419 -13.22 18.43 33.60
CA VAL A 419 -13.62 18.46 32.19
C VAL A 419 -14.93 17.71 32.00
N LEU A 420 -15.02 16.49 32.53
CA LEU A 420 -16.21 15.65 32.32
C LEU A 420 -17.50 16.22 32.96
N GLU A 421 -17.36 16.91 34.09
CA GLU A 421 -18.48 17.61 34.74
C GLU A 421 -19.06 18.69 33.83
N GLU A 422 -18.19 19.54 33.28
CA GLU A 422 -18.61 20.59 32.35
C GLU A 422 -19.12 20.05 31.02
N ILE A 423 -18.51 18.97 30.51
CA ILE A 423 -19.00 18.28 29.30
C ILE A 423 -20.39 17.65 29.52
N ALA A 424 -20.56 16.89 30.61
CA ALA A 424 -21.85 16.30 30.96
C ALA A 424 -23.01 17.31 31.11
N ALA A 425 -22.72 18.45 31.74
CA ALA A 425 -23.70 19.54 31.89
C ALA A 425 -23.96 20.29 30.57
N LEU A 426 -22.91 20.49 29.78
CA LEU A 426 -23.03 21.19 28.49
C LEU A 426 -23.74 20.37 27.41
N PHE A 427 -23.40 19.08 27.31
CA PHE A 427 -23.97 18.21 26.27
C PHE A 427 -25.13 17.37 26.81
N PRO A 428 -26.35 17.59 26.28
CA PRO A 428 -27.52 16.88 26.81
C PRO A 428 -27.58 15.40 26.43
N ALA A 429 -26.91 15.01 25.35
CA ALA A 429 -26.88 13.60 24.92
C ALA A 429 -26.33 12.72 26.05
N PRO A 430 -26.98 11.57 26.31
CA PRO A 430 -26.56 10.72 27.43
C PRO A 430 -25.26 9.92 27.20
N TYR A 431 -24.43 10.33 26.23
CA TYR A 431 -23.21 9.62 25.90
C TYR A 431 -22.03 10.55 25.86
N VAL A 432 -20.90 10.12 26.41
CA VAL A 432 -19.63 10.81 26.24
C VAL A 432 -18.54 9.83 25.79
N HIS A 433 -17.79 10.23 24.76
CA HIS A 433 -16.73 9.41 24.21
C HIS A 433 -15.43 9.82 24.88
N ILE A 434 -14.70 8.83 25.41
CA ILE A 434 -13.51 9.05 26.23
C ILE A 434 -12.14 8.83 25.52
N GLY A 435 -12.18 8.52 24.24
CA GLY A 435 -11.00 8.10 23.47
C GLY A 435 -10.66 6.64 23.71
N ALA A 436 -9.90 6.41 24.77
CA ALA A 436 -9.37 5.08 25.10
C ALA A 436 -8.55 4.44 23.95
N ASP A 437 -7.77 5.28 23.27
CA ASP A 437 -6.79 4.83 22.30
C ASP A 437 -5.70 4.04 23.01
N GLU A 438 -5.16 3.06 22.31
CA GLU A 438 -3.99 2.29 22.76
CA GLU A 438 -4.00 2.30 22.80
C GLU A 438 -2.86 3.26 23.12
N VAL A 439 -2.24 3.05 24.26
CA VAL A 439 -1.12 3.90 24.67
C VAL A 439 0.15 3.43 23.94
N PRO A 440 1.12 4.33 23.77
CA PRO A 440 2.34 3.92 23.13
C PRO A 440 3.07 2.85 23.94
N ASN A 441 3.80 1.99 23.24
CA ASN A 441 4.56 0.92 23.89
C ASN A 441 5.63 1.44 24.88
N GLY A 442 5.61 0.86 26.08
CA GLY A 442 6.56 1.21 27.14
C GLY A 442 6.24 2.47 27.92
N VAL A 443 5.05 3.05 27.74
CA VAL A 443 4.65 4.28 28.42
C VAL A 443 4.51 4.01 29.92
N TRP A 444 4.90 4.99 30.77
CA TRP A 444 4.86 4.88 32.26
C TRP A 444 5.88 3.91 32.89
N SER A 445 6.74 3.34 32.06
CA SER A 445 7.61 2.23 32.45
C SER A 445 8.69 2.66 33.43
N LYS A 446 9.16 3.90 33.29
CA LYS A 446 10.17 4.53 34.17
C LYS A 446 9.59 5.65 35.04
N SER A 447 8.27 5.65 35.24
CA SER A 447 7.62 6.66 36.09
C SER A 447 7.64 6.17 37.52
N PRO A 448 8.28 6.91 38.45
CA PRO A 448 8.24 6.52 39.88
C PRO A 448 6.83 6.47 40.46
N ALA A 449 6.04 7.51 40.22
CA ALA A 449 4.64 7.54 40.68
C ALA A 449 3.84 6.32 40.22
N CYS A 450 4.02 5.92 38.96
CA CYS A 450 3.38 4.73 38.38
C CYS A 450 3.89 3.42 38.99
N GLN A 451 5.20 3.31 39.19
CA GLN A 451 5.81 2.16 39.89
C GLN A 451 5.18 1.94 41.26
N ALA A 452 5.03 3.02 42.03
CA ALA A 452 4.35 2.97 43.33
C ALA A 452 2.87 2.55 43.22
N LEU A 453 2.16 3.09 42.24
CA LEU A 453 0.74 2.76 42.05
C LEU A 453 0.48 1.31 41.62
N MET A 454 1.39 0.72 40.86
CA MET A 454 1.30 -0.71 40.50
C MET A 454 1.29 -1.59 41.73
N GLU A 455 2.25 -1.32 42.63
CA GLU A 455 2.43 -2.04 43.90
C GLU A 455 1.19 -1.95 44.78
N GLN A 456 0.59 -0.75 44.84
CA GLN A 456 -0.68 -0.54 45.55
C GLN A 456 -1.87 -1.34 44.96
N LEU A 457 -1.94 -1.45 43.64
CA LEU A 457 -3.05 -2.11 42.95
C LEU A 457 -2.79 -3.58 42.61
N GLY A 458 -1.53 -3.99 42.71
CA GLY A 458 -1.13 -5.38 42.48
C GLY A 458 -0.89 -5.69 41.02
N TYR A 459 -0.62 -4.66 40.22
CA TYR A 459 -0.41 -4.83 38.80
C TYR A 459 1.05 -5.22 38.52
N THR A 460 1.23 -6.18 37.62
CA THR A 460 2.53 -6.66 37.19
C THR A 460 2.98 -6.12 35.82
N ASP A 461 2.03 -5.54 35.06
CA ASP A 461 2.35 -4.92 33.76
C ASP A 461 1.73 -3.50 33.67
N TYR A 462 2.49 -2.55 33.10
CA TYR A 462 2.18 -1.10 33.14
C TYR A 462 0.90 -0.69 32.41
N LYS A 463 0.51 -1.49 31.42
CA LYS A 463 -0.73 -1.36 30.67
C LYS A 463 -2.01 -1.38 31.53
N GLU A 464 -1.95 -1.99 32.70
CA GLU A 464 -3.12 -2.10 33.60
C GLU A 464 -3.56 -0.78 34.22
N LEU A 465 -2.61 0.14 34.36
CA LEU A 465 -2.88 1.53 34.75
C LEU A 465 -3.92 2.21 33.84
N GLN A 466 -3.86 1.86 32.55
CA GLN A 466 -4.81 2.33 31.55
C GLN A 466 -6.25 2.08 32.00
N GLY A 467 -6.50 0.84 32.42
CA GLY A 467 -7.80 0.40 32.90
C GLY A 467 -8.21 1.11 34.17
N HIS A 468 -7.24 1.32 35.05
CA HIS A 468 -7.50 2.07 36.27
C HIS A 468 -7.99 3.50 35.99
N PHE A 469 -7.34 4.17 35.04
CA PHE A 469 -7.73 5.52 34.67
C PHE A 469 -9.08 5.55 33.98
N LEU A 470 -9.27 4.64 33.04
CA LEU A 470 -10.51 4.57 32.26
C LEU A 470 -11.70 4.14 33.09
N ARG A 471 -11.48 3.28 34.08
CA ARG A 471 -12.54 2.88 35.01
C ARG A 471 -12.98 4.04 35.90
N HIS A 472 -12.03 4.90 36.26
CA HIS A 472 -12.35 6.11 37.00
C HIS A 472 -13.23 7.04 36.15
N ALA A 473 -12.87 7.20 34.87
CA ALA A 473 -13.66 8.03 33.94
C ALA A 473 -15.08 7.50 33.76
N GLU A 474 -15.20 6.20 33.57
CA GLU A 474 -16.49 5.53 33.42
C GLU A 474 -17.39 5.70 34.64
N ASP A 475 -16.83 5.50 35.83
CA ASP A 475 -17.58 5.67 37.08
C ASP A 475 -18.01 7.11 37.31
N LYS A 476 -17.13 8.05 36.95
CA LYS A 476 -17.45 9.46 37.00
C LYS A 476 -18.58 9.85 36.05
N LEU A 477 -18.50 9.35 34.82
CA LEU A 477 -19.55 9.60 33.84
C LEU A 477 -20.89 8.99 34.27
N ARG A 478 -20.83 7.84 34.94
CA ARG A 478 -22.03 7.16 35.47
C ARG A 478 -22.73 8.00 36.55
N LYS A 479 -21.95 8.58 37.47
CA LYS A 479 -22.45 9.57 38.45
C LYS A 479 -23.06 10.82 37.82
N LEU A 480 -22.52 11.23 36.66
CA LEU A 480 -23.07 12.33 35.89
C LEU A 480 -24.24 11.94 34.96
N GLY A 481 -24.68 10.69 35.01
CA GLY A 481 -25.79 10.21 34.17
C GLY A 481 -25.45 9.93 32.71
N LYS A 482 -24.15 9.74 32.42
CA LYS A 482 -23.69 9.49 31.05
C LYS A 482 -23.14 8.08 30.90
N ARG A 483 -23.46 7.46 29.77
CA ARG A 483 -22.85 6.20 29.37
C ARG A 483 -21.53 6.52 28.64
N MET A 484 -20.48 5.75 28.91
CA MET A 484 -19.19 5.96 28.25
C MET A 484 -19.13 5.29 26.86
N LEU A 485 -18.40 5.94 25.94
CA LEU A 485 -18.14 5.41 24.60
C LEU A 485 -16.64 5.39 24.41
N GLY A 486 -16.14 4.45 23.61
CA GLY A 486 -14.69 4.35 23.39
C GLY A 486 -14.30 3.68 22.08
N TRP A 487 -13.07 3.90 21.64
CA TRP A 487 -12.54 3.24 20.46
C TRP A 487 -12.18 1.81 20.82
N GLU A 488 -12.17 0.94 19.81
CA GLU A 488 -12.15 -0.53 20.01
C GLU A 488 -11.14 -1.17 20.95
N GLU A 489 -10.01 -0.50 21.16
CA GLU A 489 -8.96 -0.98 22.04
C GLU A 489 -9.39 -1.12 23.49
N ALA A 490 -10.33 -0.26 23.90
CA ALA A 490 -10.91 -0.24 25.24
C ALA A 490 -11.48 -1.58 25.67
N GLN A 491 -11.93 -2.39 24.72
CA GLN A 491 -12.50 -3.72 24.99
C GLN A 491 -11.52 -4.74 25.55
N HIS A 492 -10.23 -4.60 25.23
CA HIS A 492 -9.21 -5.55 25.66
C HIS A 492 -8.82 -5.25 27.09
N GLY A 493 -8.45 -6.30 27.82
CA GLY A 493 -8.24 -6.17 29.26
C GLY A 493 -9.60 -6.05 29.92
N ASN A 494 -9.64 -5.43 31.10
CA ASN A 494 -10.91 -5.13 31.78
C ASN A 494 -11.00 -3.62 32.03
N LYS A 495 -10.65 -2.87 31.00
CA LYS A 495 -10.43 -1.43 31.12
C LYS A 495 -11.72 -0.66 31.23
N VAL A 496 -12.77 -1.24 30.67
CA VAL A 496 -14.11 -0.66 30.68
C VAL A 496 -15.08 -1.80 30.92
N SER A 497 -16.26 -1.45 31.43
CA SER A 497 -17.33 -2.43 31.66
C SER A 497 -18.09 -2.67 30.37
N LYS A 498 -19.00 -3.64 30.44
CA LYS A 498 -19.87 -3.99 29.31
C LYS A 498 -20.81 -2.90 28.84
N ASP A 499 -21.09 -1.93 29.70
CA ASP A 499 -21.87 -0.76 29.32
C ASP A 499 -21.16 0.22 28.37
N THR A 500 -19.83 0.17 28.31
CA THR A 500 -19.08 1.07 27.42
C THR A 500 -19.32 0.67 25.96
N VAL A 501 -19.75 1.63 25.15
CA VAL A 501 -20.01 1.38 23.74
C VAL A 501 -18.68 1.45 22.97
N ILE A 502 -18.43 0.41 22.18
CA ILE A 502 -17.19 0.26 21.45
C ILE A 502 -17.30 0.67 19.96
N TYR A 503 -16.41 1.56 19.54
CA TYR A 503 -16.30 2.02 18.15
C TYR A 503 -15.22 1.18 17.45
N SER A 504 -15.66 0.23 16.63
CA SER A 504 -14.79 -0.70 15.92
C SER A 504 -14.40 -0.24 14.52
N TRP A 505 -13.10 0.03 14.31
CA TRP A 505 -12.57 0.37 12.97
C TRP A 505 -11.73 -0.71 12.29
N LEU A 506 -11.33 -1.75 13.02
CA LEU A 506 -10.46 -2.78 12.46
C LEU A 506 -11.14 -3.58 11.35
N SER A 507 -12.25 -4.22 11.71
CA SER A 507 -12.90 -5.19 10.83
C SER A 507 -14.27 -5.52 11.41
N GLU A 508 -15.13 -6.01 10.55
CA GLU A 508 -16.47 -6.47 10.96
C GLU A 508 -16.37 -7.71 11.87
N GLU A 509 -15.41 -8.57 11.55
CA GLU A 509 -15.17 -9.79 12.29
CA GLU A 509 -15.13 -9.80 12.31
C GLU A 509 -14.75 -9.43 13.74
N ALA A 510 -13.88 -8.42 13.88
CA ALA A 510 -13.49 -7.93 15.21
C ALA A 510 -14.66 -7.29 15.93
N ALA A 511 -15.46 -6.52 15.19
CA ALA A 511 -16.65 -5.87 15.75
C ALA A 511 -17.68 -6.88 16.32
N LEU A 512 -18.01 -7.90 15.54
CA LEU A 512 -18.88 -9.00 16.01
C LEU A 512 -18.28 -9.82 17.17
N ASN A 513 -16.96 -10.01 17.16
CA ASN A 513 -16.25 -10.61 18.29
C ASN A 513 -16.55 -9.84 19.55
N CYS A 514 -16.47 -8.52 19.42
CA CYS A 514 -16.69 -7.61 20.51
C CYS A 514 -18.17 -7.64 20.96
N ALA A 515 -19.09 -7.60 19.98
CA ALA A 515 -20.52 -7.79 20.24
C ALA A 515 -20.84 -9.11 20.98
N ARG A 516 -20.25 -10.21 20.53
CA ARG A 516 -20.38 -11.54 21.22
C ARG A 516 -19.94 -11.54 22.69
N GLN A 517 -19.04 -10.62 23.05
CA GLN A 517 -18.57 -10.44 24.43
CA GLN A 517 -18.59 -10.45 24.43
C GLN A 517 -19.57 -9.68 25.32
N GLY A 518 -20.56 -9.03 24.73
CA GLY A 518 -21.58 -8.28 25.47
C GLY A 518 -21.46 -6.76 25.42
N PHE A 519 -20.55 -6.26 24.59
CA PHE A 519 -20.47 -4.83 24.33
C PHE A 519 -21.45 -4.42 23.23
N ASP A 520 -22.01 -3.22 23.37
CA ASP A 520 -22.65 -2.53 22.25
C ASP A 520 -21.58 -1.90 21.38
N VAL A 521 -21.78 -1.91 20.07
CA VAL A 521 -20.72 -1.47 19.17
C VAL A 521 -21.24 -0.68 17.98
N VAL A 522 -20.39 0.26 17.55
CA VAL A 522 -20.61 1.06 16.34
C VAL A 522 -19.55 0.67 15.32
N LEU A 523 -20.00 0.33 14.12
CA LEU A 523 -19.10 -0.02 13.05
C LEU A 523 -18.61 1.23 12.34
N GLN A 524 -17.28 1.43 12.36
CA GLN A 524 -16.63 2.53 11.64
C GLN A 524 -15.31 2.04 10.99
N PRO A 525 -15.40 1.06 10.08
CA PRO A 525 -14.17 0.44 9.51
C PRO A 525 -13.30 1.41 8.71
N ALA A 526 -12.02 1.45 9.04
CA ALA A 526 -11.05 2.32 8.37
C ALA A 526 -11.03 2.17 6.85
N GLN A 527 -11.11 0.92 6.41
CA GLN A 527 -11.01 0.58 4.98
C GLN A 527 -12.16 1.15 4.11
N THR A 528 -13.35 1.34 4.68
CA THR A 528 -14.50 1.84 3.92
C THR A 528 -15.20 3.13 4.37
N THR A 529 -14.96 3.59 5.60
CA THR A 529 -15.68 4.77 6.12
C THR A 529 -14.83 6.01 6.41
N TYR A 530 -13.51 5.93 6.14
CA TYR A 530 -12.62 7.08 6.38
C TYR A 530 -12.57 7.98 5.16
N LEU A 531 -13.28 9.10 5.26
CA LEU A 531 -13.38 10.08 4.21
C LEU A 531 -12.12 10.91 4.00
N ASP A 532 -11.12 10.79 4.89
CA ASP A 532 -9.80 11.39 4.67
C ASP A 532 -8.99 10.68 3.61
N MET A 533 -9.42 9.47 3.26
CA MET A 533 -8.77 8.70 2.23
C MET A 533 -9.03 9.28 0.83
N THR A 534 -8.01 9.22 -0.03
CA THR A 534 -8.10 9.68 -1.40
C THR A 534 -9.27 9.03 -2.14
N GLN A 535 -9.80 9.76 -3.11
CA GLN A 535 -10.95 9.32 -3.89
C GLN A 535 -10.61 8.73 -5.25
N ASP A 536 -9.35 8.80 -5.65
CA ASP A 536 -8.95 8.27 -6.95
C ASP A 536 -7.45 7.95 -6.89
N TYR A 537 -6.97 7.27 -7.93
CA TYR A 537 -5.59 6.80 -7.98
C TYR A 537 -4.60 7.82 -8.55
N ALA A 538 -5.12 8.84 -9.24
CA ALA A 538 -4.29 9.92 -9.77
C ALA A 538 -3.47 10.63 -8.67
N PRO A 539 -2.21 10.99 -8.96
CA PRO A 539 -1.36 11.59 -7.91
C PRO A 539 -1.80 12.96 -7.37
N GLU A 540 -2.63 13.65 -8.16
CA GLU A 540 -3.12 15.01 -7.80
C GLU A 540 -4.23 14.98 -6.78
N GLU A 541 -4.90 13.84 -6.63
CA GLU A 541 -5.99 13.72 -5.68
C GLU A 541 -5.54 13.99 -4.27
N PRO A 542 -6.20 14.94 -3.58
CA PRO A 542 -5.91 15.16 -2.17
C PRO A 542 -6.41 14.03 -1.28
N GLY A 543 -5.71 13.83 -0.16
CA GLY A 543 -6.07 12.87 0.86
C GLY A 543 -4.88 12.09 1.35
N VAL A 544 -5.17 11.03 2.08
CA VAL A 544 -4.16 10.06 2.52
C VAL A 544 -4.65 8.69 2.03
N ASP A 545 -3.79 7.69 2.12
CA ASP A 545 -4.07 6.38 1.53
C ASP A 545 -3.59 5.19 2.37
N TRP A 546 -3.29 5.40 3.64
CA TRP A 546 -2.66 4.32 4.44
C TRP A 546 -3.59 3.13 4.57
N ALA A 547 -4.88 3.38 4.72
CA ALA A 547 -5.93 2.36 4.69
C ALA A 547 -6.32 1.92 3.27
N ASN A 548 -5.75 2.56 2.25
CA ASN A 548 -6.03 2.39 0.81
C ASN A 548 -6.90 3.49 0.24
N PRO A 549 -6.72 3.83 -1.04
CA PRO A 549 -7.65 4.76 -1.65
C PRO A 549 -9.12 4.31 -1.54
N LEU A 550 -10.02 5.26 -1.36
CA LEU A 550 -11.42 4.92 -1.27
C LEU A 550 -12.20 5.69 -2.31
N PRO A 551 -12.20 5.19 -3.55
CA PRO A 551 -13.13 5.78 -4.55
C PRO A 551 -14.58 5.45 -4.25
N LEU A 552 -15.47 6.15 -4.94
CA LEU A 552 -16.89 6.08 -4.68
C LEU A 552 -17.47 4.67 -4.79
N GLU A 553 -17.04 3.91 -5.80
CA GLU A 553 -17.51 2.53 -6.01
C GLU A 553 -17.14 1.60 -4.85
N LYS A 554 -15.92 1.72 -4.33
CA LYS A 554 -15.52 0.93 -3.16
C LYS A 554 -16.36 1.34 -1.92
N ALA A 555 -16.64 2.64 -1.81
CA ALA A 555 -17.47 3.17 -0.74
C ALA A 555 -18.87 2.58 -0.79
N TYR A 556 -19.47 2.57 -1.98
CA TYR A 556 -20.83 2.06 -2.14
C TYR A 556 -20.94 0.54 -1.93
N ASN A 557 -19.92 -0.19 -2.35
CA ASN A 557 -19.85 -1.65 -2.17
C ASN A 557 -19.72 -2.09 -0.70
N TYR A 558 -19.36 -1.18 0.19
CA TYR A 558 -19.40 -1.49 1.63
C TYR A 558 -20.83 -1.85 2.06
N GLU A 559 -20.98 -3.06 2.58
CA GLU A 559 -22.30 -3.60 2.88
C GLU A 559 -22.30 -4.25 4.26
N PRO A 560 -22.54 -3.46 5.32
CA PRO A 560 -22.35 -3.96 6.68
C PRO A 560 -23.27 -5.11 7.04
N LEU A 561 -22.69 -6.14 7.65
CA LEU A 561 -23.40 -7.31 8.15
C LEU A 561 -24.20 -8.05 7.05
N ALA A 562 -23.62 -8.14 5.87
CA ALA A 562 -24.25 -8.82 4.72
C ALA A 562 -24.48 -10.31 4.98
N GLU A 563 -23.47 -10.96 5.54
CA GLU A 563 -23.51 -12.39 5.83
C GLU A 563 -24.39 -12.76 7.03
N VAL A 564 -24.69 -11.82 7.92
CA VAL A 564 -25.44 -12.14 9.14
C VAL A 564 -26.94 -12.05 8.87
N PRO A 565 -27.73 -13.10 9.22
CA PRO A 565 -29.20 -13.07 9.00
C PRO A 565 -29.93 -11.96 9.77
N ALA A 566 -31.05 -11.49 9.23
CA ALA A 566 -31.87 -10.41 9.83
C ALA A 566 -32.31 -10.69 11.28
N ASP A 567 -32.56 -11.97 11.59
CA ASP A 567 -33.00 -12.42 12.91
C ASP A 567 -31.92 -12.58 14.00
N ASP A 568 -30.64 -12.63 13.59
CA ASP A 568 -29.53 -12.93 14.51
C ASP A 568 -29.57 -12.03 15.76
N PRO A 569 -29.59 -12.64 16.97
CA PRO A 569 -29.61 -11.86 18.22
C PRO A 569 -28.41 -10.94 18.43
N ILE A 570 -27.30 -11.20 17.73
CA ILE A 570 -26.14 -10.31 17.80
C ILE A 570 -26.43 -8.89 17.29
N ARG A 571 -27.41 -8.73 16.42
CA ARG A 571 -27.82 -7.41 15.93
C ARG A 571 -28.35 -6.45 16.98
N LYS A 572 -28.81 -6.97 18.11
CA LYS A 572 -29.13 -6.12 19.27
C LYS A 572 -27.92 -5.31 19.75
N ARG A 573 -26.73 -5.87 19.62
CA ARG A 573 -25.49 -5.23 20.06
C ARG A 573 -24.96 -4.18 19.04
N ILE A 574 -25.39 -4.29 17.80
CA ILE A 574 -24.90 -3.41 16.74
C ILE A 574 -25.76 -2.14 16.70
N TRP A 575 -25.27 -1.07 17.32
CA TRP A 575 -25.94 0.24 17.28
C TRP A 575 -26.14 0.73 15.85
N GLY A 576 -25.09 0.64 15.06
CA GLY A 576 -25.13 1.15 13.70
C GLY A 576 -23.77 1.48 13.16
N ILE A 577 -23.73 2.47 12.27
CA ILE A 577 -22.62 2.70 11.37
C ILE A 577 -22.17 4.14 11.52
N GLN A 578 -20.88 4.37 11.30
CA GLN A 578 -20.36 5.72 11.30
C GLN A 578 -19.26 5.96 10.27
N THR A 579 -19.23 7.17 9.75
CA THR A 579 -18.19 7.59 8.81
C THR A 579 -17.43 8.75 9.45
N ALA A 580 -16.15 8.89 9.14
CA ALA A 580 -15.31 9.86 9.84
C ALA A 580 -14.42 10.64 8.91
N LEU A 581 -14.21 11.92 9.27
CA LEU A 581 -13.29 12.80 8.55
C LEU A 581 -12.18 13.21 9.49
N TRP A 582 -10.98 12.71 9.22
CA TRP A 582 -9.79 13.09 9.96
C TRP A 582 -9.15 14.24 9.19
N CYS A 583 -8.67 15.24 9.91
CA CYS A 583 -8.41 16.55 9.29
C CYS A 583 -6.97 16.99 9.30
N GLU A 584 -6.04 16.03 9.28
CA GLU A 584 -4.60 16.30 9.18
C GLU A 584 -4.23 17.21 8.02
N ILE A 585 -4.89 17.02 6.88
CA ILE A 585 -4.64 17.84 5.67
C ILE A 585 -5.90 18.56 5.13
N ILE A 586 -6.90 18.71 5.98
CA ILE A 586 -8.12 19.45 5.66
C ILE A 586 -8.22 20.67 6.59
N ASN A 587 -8.01 21.86 6.03
CA ASN A 587 -8.03 23.10 6.82
C ASN A 587 -8.98 24.18 6.27
N ASN A 588 -9.86 23.81 5.36
CA ASN A 588 -10.79 24.78 4.77
C ASN A 588 -12.07 24.12 4.26
N PRO A 589 -13.16 24.90 4.15
CA PRO A 589 -14.45 24.33 3.74
C PRO A 589 -14.52 23.75 2.31
N SER A 590 -13.71 24.30 1.40
CA SER A 590 -13.63 23.80 0.03
C SER A 590 -13.07 22.36 -0.01
N ARG A 591 -11.94 22.16 0.65
CA ARG A 591 -11.35 20.84 0.77
C ARG A 591 -12.23 19.87 1.57
N MET A 592 -12.79 20.35 2.67
CA MET A 592 -13.73 19.55 3.45
C MET A 592 -14.91 19.03 2.62
N ASP A 593 -15.55 19.90 1.82
CA ASP A 593 -16.68 19.49 0.97
C ASP A 593 -16.20 18.41 0.02
N TYR A 594 -15.07 18.70 -0.64
CA TYR A 594 -14.47 17.82 -1.64
C TYR A 594 -14.28 16.41 -1.11
N MET A 595 -13.80 16.30 0.14
CA MET A 595 -13.58 14.98 0.72
C MET A 595 -14.88 14.29 1.14
N ILE A 596 -15.80 15.04 1.74
CA ILE A 596 -17.05 14.45 2.28
C ILE A 596 -18.02 14.01 1.17
N PHE A 597 -18.10 14.79 0.11
CA PHE A 597 -19.09 14.60 -0.94
C PHE A 597 -18.44 14.21 -2.27
N PRO A 598 -18.94 13.20 -2.98
CA PRO A 598 -20.24 12.52 -2.74
C PRO A 598 -20.23 11.26 -1.87
N ARG A 599 -19.10 10.90 -1.26
CA ARG A 599 -19.04 9.61 -0.58
C ARG A 599 -20.00 9.49 0.61
N LEU A 600 -20.28 10.59 1.30
CA LEU A 600 -21.19 10.58 2.44
C LEU A 600 -22.57 10.05 2.06
N THR A 601 -23.00 10.30 0.83
CA THR A 601 -24.31 9.83 0.37
C THR A 601 -24.34 8.30 0.29
N ALA A 602 -23.23 7.69 -0.11
CA ALA A 602 -23.08 6.24 -0.14
C ALA A 602 -23.06 5.66 1.28
N MET A 603 -22.39 6.34 2.19
CA MET A 603 -22.34 5.93 3.61
C MET A 603 -23.74 6.01 4.24
N ALA A 604 -24.44 7.09 3.92
CA ALA A 604 -25.84 7.32 4.29
C ALA A 604 -26.78 6.22 3.81
N GLU A 605 -26.55 5.73 2.59
CA GLU A 605 -27.33 4.63 2.03
C GLU A 605 -26.98 3.30 2.71
N ALA A 606 -25.71 3.04 2.96
CA ALA A 606 -25.31 1.86 3.78
C ALA A 606 -26.00 1.83 5.15
N CYS A 607 -25.96 2.98 5.85
CA CYS A 607 -26.70 3.22 7.11
C CYS A 607 -28.21 2.97 7.09
N TRP A 608 -28.87 3.42 6.02
CA TRP A 608 -30.33 3.54 5.99
C TRP A 608 -31.02 2.43 5.20
N THR A 609 -30.57 2.23 3.95
CA THR A 609 -31.25 1.37 2.97
C THR A 609 -30.92 -0.11 3.13
N GLU A 610 -31.94 -0.97 3.10
CA GLU A 610 -31.71 -2.41 3.19
C GLU A 610 -31.00 -2.89 1.92
N LYS A 611 -30.16 -3.90 2.08
CA LYS A 611 -29.26 -4.41 1.03
C LYS A 611 -29.95 -4.78 -0.28
N GLN A 612 -31.13 -5.37 -0.16
CA GLN A 612 -31.99 -5.75 -1.30
C GLN A 612 -32.39 -4.58 -2.23
N HIS A 613 -32.49 -3.38 -1.66
CA HIS A 613 -32.84 -2.18 -2.44
C HIS A 613 -31.62 -1.39 -2.91
N ARG A 614 -30.42 -1.89 -2.60
CA ARG A 614 -29.18 -1.28 -3.07
C ARG A 614 -28.73 -1.80 -4.45
N ASP A 615 -28.36 -0.86 -5.31
CA ASP A 615 -27.76 -1.18 -6.60
C ASP A 615 -26.86 -0.01 -7.05
N TRP A 616 -25.63 -0.34 -7.45
CA TRP A 616 -24.61 0.64 -7.84
C TRP A 616 -25.03 1.52 -9.00
N THR A 617 -25.54 0.90 -10.06
CA THR A 617 -26.04 1.62 -11.24
C THR A 617 -27.16 2.59 -10.84
N ASP A 618 -28.14 2.07 -10.10
CA ASP A 618 -29.27 2.87 -9.64
C ASP A 618 -28.80 4.03 -8.73
N TYR A 619 -27.89 3.72 -7.81
CA TYR A 619 -27.28 4.73 -6.95
C TYR A 619 -26.61 5.85 -7.75
N LEU A 620 -25.78 5.47 -8.73
CA LEU A 620 -25.16 6.48 -9.62
C LEU A 620 -26.17 7.39 -10.32
N SER A 621 -27.30 6.83 -10.75
CA SER A 621 -28.33 7.60 -11.46
C SER A 621 -29.03 8.60 -10.54
N ARG A 622 -29.28 8.20 -9.30
CA ARG A 622 -29.83 9.09 -8.27
C ARG A 622 -28.82 10.16 -7.83
N LEU A 623 -27.56 9.78 -7.69
CA LEU A 623 -26.50 10.75 -7.39
C LEU A 623 -26.40 11.83 -8.46
N LYS A 624 -26.55 11.44 -9.71
CA LYS A 624 -26.48 12.37 -10.84
C LYS A 624 -27.61 13.39 -10.87
N GLY A 625 -28.82 12.95 -10.57
CA GLY A 625 -29.97 13.83 -10.47
C GLY A 625 -29.96 14.70 -9.22
N HIS A 626 -29.22 14.26 -8.20
CA HIS A 626 -29.04 14.99 -6.95
C HIS A 626 -27.96 16.06 -7.05
N LEU A 627 -27.02 15.92 -7.97
CA LEU A 627 -25.91 16.88 -8.07
C LEU A 627 -26.34 18.36 -8.21
N PRO A 628 -27.38 18.67 -9.01
CA PRO A 628 -27.85 20.06 -9.14
C PRO A 628 -28.33 20.67 -7.84
N LEU A 629 -28.91 19.86 -6.95
CA LEU A 629 -29.30 20.33 -5.62
C LEU A 629 -28.10 20.73 -4.75
N LEU A 630 -27.04 19.95 -4.81
CA LEU A 630 -25.78 20.30 -4.14
C LEU A 630 -25.14 21.56 -4.72
N ASP A 631 -25.24 21.73 -6.04
CA ASP A 631 -24.76 22.94 -6.72
C ASP A 631 -25.51 24.21 -6.28
N LEU A 632 -26.83 24.12 -6.09
CA LEU A 632 -27.60 25.26 -5.59
C LEU A 632 -27.13 25.70 -4.20
N GLN A 633 -26.71 24.73 -3.38
CA GLN A 633 -26.16 25.02 -2.06
C GLN A 633 -24.68 25.44 -2.06
N GLY A 634 -24.02 25.33 -3.21
CA GLY A 634 -22.62 25.70 -3.37
C GLY A 634 -21.67 24.74 -2.67
N VAL A 635 -22.03 23.45 -2.60
CA VAL A 635 -21.19 22.42 -2.01
C VAL A 635 -20.16 21.96 -3.05
N ASN A 636 -18.87 22.11 -2.73
CA ASN A 636 -17.75 21.71 -3.58
C ASN A 636 -17.44 20.21 -3.57
N TYR A 637 -18.44 19.40 -3.91
CA TYR A 637 -18.30 17.96 -4.06
C TYR A 637 -17.31 17.61 -5.20
N ARG A 638 -16.60 16.50 -5.06
CA ARG A 638 -15.79 15.98 -6.14
C ARG A 638 -16.71 15.46 -7.24
N LYS A 639 -16.52 15.96 -8.46
CA LYS A 639 -17.36 15.57 -9.58
C LYS A 639 -17.15 14.10 -10.01
N PRO A 640 -18.22 13.27 -9.96
CA PRO A 640 -18.10 11.89 -10.45
C PRO A 640 -17.91 11.78 -11.96
N TRP A 641 -18.38 12.78 -12.71
CA TRP A 641 -18.23 12.83 -14.16
C TRP A 641 -17.60 14.16 -14.53
N LYS A 642 -16.34 14.12 -14.95
CA LYS A 642 -15.55 15.32 -15.27
C LYS A 642 -14.72 15.10 -16.53
N SER B 4 -0.90 -32.08 13.02
CA SER B 4 0.15 -32.46 14.02
C SER B 4 -0.25 -32.04 15.46
N GLU B 5 0.70 -32.17 16.38
CA GLU B 5 0.45 -31.90 17.80
C GLU B 5 0.59 -30.44 18.21
N TYR B 6 1.20 -29.62 17.35
CA TYR B 6 1.57 -28.24 17.71
C TYR B 6 1.04 -27.25 16.70
N ARG B 7 0.45 -26.17 17.18
CA ARG B 7 -0.21 -25.22 16.30
C ARG B 7 0.03 -23.79 16.73
N VAL B 8 0.32 -22.93 15.75
CA VAL B 8 0.46 -21.49 15.98
C VAL B 8 -0.58 -20.71 15.15
N ASP B 9 -1.33 -19.83 15.83
CA ASP B 9 -2.30 -18.96 15.18
C ASP B 9 -1.83 -17.50 15.24
N LEU B 10 -1.88 -16.83 14.09
CA LEU B 10 -1.54 -15.41 14.00
C LEU B 10 -2.78 -14.60 13.67
N VAL B 11 -3.03 -13.55 14.45
CA VAL B 11 -4.19 -12.68 14.28
C VAL B 11 -3.73 -11.20 14.28
N VAL B 12 -4.28 -10.40 13.38
CA VAL B 12 -4.04 -8.95 13.37
C VAL B 12 -4.95 -8.37 14.45
N LEU B 13 -4.37 -7.69 15.42
CA LEU B 13 -5.08 -7.07 16.54
C LEU B 13 -5.42 -5.60 16.30
N SER B 14 -4.48 -4.87 15.72
CA SER B 14 -4.65 -3.43 15.49
C SER B 14 -4.04 -2.94 14.18
N GLU B 15 -4.65 -1.92 13.60
CA GLU B 15 -4.23 -1.38 12.31
C GLU B 15 -4.34 0.12 12.32
N GLN B 16 -3.17 0.77 12.27
CA GLN B 16 -3.05 2.21 12.22
C GLN B 16 -2.05 2.52 11.13
N LYS B 17 -2.03 3.78 10.72
CA LYS B 17 -1.08 4.28 9.73
C LYS B 17 0.39 3.96 10.14
N GLN B 18 1.07 3.20 9.28
CA GLN B 18 2.45 2.75 9.45
C GLN B 18 2.68 1.94 10.73
N ASN B 19 1.65 1.26 11.23
CA ASN B 19 1.80 0.45 12.44
C ASN B 19 0.69 -0.57 12.57
N CYS B 20 1.03 -1.84 12.72
CA CYS B 20 0.03 -2.80 13.13
C CYS B 20 0.52 -3.80 14.15
N ARG B 21 -0.44 -4.33 14.90
CA ARG B 21 -0.16 -5.25 15.99
C ARG B 21 -0.81 -6.60 15.73
N PHE B 22 -0.12 -7.64 16.18
CA PHE B 22 -0.49 -9.03 15.99
C PHE B 22 -0.55 -9.81 17.32
N GLY B 23 -1.52 -10.70 17.41
CA GLY B 23 -1.61 -11.66 18.50
C GLY B 23 -1.11 -12.99 17.99
N LEU B 24 -0.08 -13.53 18.63
CA LEU B 24 0.44 -14.86 18.35
C LEU B 24 0.00 -15.80 19.47
N THR B 25 -0.73 -16.87 19.11
CA THR B 25 -1.10 -17.91 20.08
C THR B 25 -0.52 -19.26 19.66
N PHE B 26 0.33 -19.85 20.49
CA PHE B 26 0.83 -21.22 20.30
C PHE B 26 0.09 -22.24 21.19
N HIS B 27 -0.27 -23.37 20.60
CA HIS B 27 -1.06 -24.42 21.26
C HIS B 27 -0.28 -25.74 21.37
N ASN B 28 -0.06 -26.20 22.58
CA ASN B 28 0.38 -27.58 22.81
C ASN B 28 -0.85 -28.51 22.83
N LEU B 29 -1.10 -29.17 21.70
CA LEU B 29 -2.19 -30.14 21.60
C LEU B 29 -1.69 -31.56 21.78
N SER B 30 -0.46 -31.72 22.29
CA SER B 30 0.08 -33.02 22.65
C SER B 30 -0.36 -33.36 24.06
N ASP B 31 -0.31 -34.65 24.38
CA ASP B 31 -0.63 -35.14 25.74
C ASP B 31 0.47 -34.86 26.77
N GLN B 32 1.69 -34.59 26.29
CA GLN B 32 2.85 -34.37 27.17
C GLN B 32 3.15 -32.88 27.31
N ASP B 33 3.71 -32.49 28.45
CA ASP B 33 4.17 -31.12 28.65
C ASP B 33 5.43 -30.84 27.83
N LEU B 34 5.63 -29.58 27.45
CA LEU B 34 6.83 -29.13 26.72
C LEU B 34 7.75 -28.44 27.69
N ASN B 35 9.01 -28.87 27.74
CA ASN B 35 10.02 -28.32 28.65
C ASN B 35 11.20 -27.72 27.91
N SER B 36 11.67 -26.58 28.40
CA SER B 36 12.77 -25.80 27.79
C SER B 36 12.51 -25.60 26.30
N TRP B 37 11.32 -25.07 26.01
CA TRP B 37 10.79 -25.05 24.65
C TRP B 37 10.98 -23.67 24.02
N GLY B 38 11.07 -23.65 22.71
CA GLY B 38 11.25 -22.41 21.97
C GLY B 38 10.60 -22.51 20.63
N LEU B 39 10.05 -21.39 20.15
CA LEU B 39 9.39 -21.33 18.84
C LEU B 39 10.28 -20.64 17.81
N THR B 40 10.35 -21.20 16.60
CA THR B 40 10.90 -20.48 15.44
C THR B 40 9.88 -20.42 14.30
N PHE B 41 9.97 -19.37 13.50
CA PHE B 41 9.10 -19.18 12.33
C PHE B 41 9.75 -18.28 11.29
N ALA B 42 9.31 -18.41 10.05
CA ALA B 42 9.79 -17.57 8.96
C ALA B 42 8.81 -16.44 8.80
N PHE B 43 9.31 -15.20 8.84
CA PHE B 43 8.50 -13.97 8.74
C PHE B 43 9.29 -12.85 8.03
N ASP B 44 8.67 -12.24 7.00
CA ASP B 44 9.36 -11.34 6.04
C ASP B 44 9.47 -9.88 6.46
N ARG B 45 8.86 -9.50 7.59
CA ARG B 45 8.86 -8.12 8.03
C ARG B 45 9.67 -8.01 9.28
N TYR B 46 10.22 -6.81 9.51
CA TYR B 46 10.96 -6.52 10.72
C TYR B 46 10.01 -6.35 11.92
N ILE B 47 10.18 -7.19 12.93
CA ILE B 47 9.40 -7.10 14.16
C ILE B 47 10.06 -6.12 15.13
N LEU B 48 9.29 -5.14 15.59
CA LEU B 48 9.85 -4.12 16.47
C LEU B 48 10.32 -4.80 17.79
N PRO B 49 11.64 -4.77 18.11
CA PRO B 49 12.14 -5.56 19.25
C PRO B 49 11.57 -5.25 20.62
N ASP B 50 11.18 -4.01 20.87
CA ASP B 50 10.58 -3.62 22.15
C ASP B 50 9.08 -3.84 22.15
N SER B 51 8.51 -4.20 21.00
CA SER B 51 7.08 -4.48 20.89
C SER B 51 6.68 -5.88 21.38
N VAL B 52 7.65 -6.78 21.54
CA VAL B 52 7.39 -8.17 21.94
C VAL B 52 6.99 -8.26 23.43
N SER B 53 5.75 -8.71 23.68
CA SER B 53 5.12 -8.63 24.99
C SER B 53 5.45 -9.78 25.97
N ASN B 54 5.71 -10.98 25.46
CA ASN B 54 5.86 -12.15 26.32
C ASN B 54 6.89 -13.13 25.76
N GLY B 55 8.16 -12.76 25.88
CA GLY B 55 9.25 -13.57 25.35
C GLY B 55 10.32 -12.70 24.75
N GLN B 56 11.42 -13.35 24.38
CA GLN B 56 12.57 -12.68 23.81
C GLN B 56 12.72 -13.12 22.36
N LEU B 57 12.75 -12.15 21.46
CA LEU B 57 12.73 -12.41 20.03
C LEU B 57 14.04 -11.99 19.38
N THR B 58 14.57 -12.90 18.56
CA THR B 58 15.76 -12.67 17.75
C THR B 58 15.34 -12.86 16.30
N GLN B 59 15.80 -11.98 15.42
CA GLN B 59 15.46 -12.03 14.00
C GLN B 59 16.71 -11.85 13.14
N ILE B 60 17.00 -12.85 12.31
CA ILE B 60 18.07 -12.83 11.32
C ILE B 60 17.43 -12.97 9.94
N GLY B 61 17.21 -11.83 9.29
CA GLY B 61 16.45 -11.80 8.05
C GLY B 61 14.98 -12.22 8.26
N SER B 62 14.57 -13.30 7.59
CA SER B 62 13.28 -13.93 7.84
C SER B 62 13.25 -14.86 9.06
N PHE B 63 14.43 -15.35 9.49
CA PHE B 63 14.53 -16.36 10.56
C PHE B 63 14.32 -15.77 11.96
N CYS B 64 13.15 -16.05 12.54
CA CYS B 64 12.78 -15.56 13.87
C CYS B 64 12.78 -16.66 14.92
N THR B 65 13.38 -16.38 16.08
CA THR B 65 13.37 -17.28 17.24
C THR B 65 12.71 -16.56 18.40
N LEU B 66 11.69 -17.18 18.96
CA LEU B 66 10.98 -16.65 20.12
C LEU B 66 11.19 -17.53 21.35
N LYS B 67 11.90 -16.99 22.34
CA LYS B 67 12.15 -17.70 23.60
C LYS B 67 11.05 -17.30 24.60
N PRO B 68 10.18 -18.24 25.00
CA PRO B 68 9.11 -17.91 25.95
C PRO B 68 9.66 -17.62 27.34
N GLU B 69 8.96 -16.76 28.09
CA GLU B 69 9.37 -16.38 29.44
C GLU B 69 9.35 -17.58 30.39
N GLY B 70 8.30 -18.40 30.30
CA GLY B 70 8.19 -19.64 31.08
C GLY B 70 8.98 -20.82 30.53
N ILE B 71 9.61 -21.59 31.42
CA ILE B 71 10.33 -22.81 31.04
C ILE B 71 9.39 -23.92 30.55
N VAL B 72 8.18 -23.98 31.11
CA VAL B 72 7.27 -25.09 30.83
C VAL B 72 5.95 -24.59 30.23
N LEU B 73 5.47 -25.30 29.21
CA LEU B 73 4.12 -25.12 28.69
C LEU B 73 3.34 -26.43 28.83
N ALA B 74 2.33 -26.42 29.68
CA ALA B 74 1.56 -27.62 29.99
C ALA B 74 0.79 -28.14 28.77
N ALA B 75 0.40 -29.41 28.83
CA ALA B 75 -0.39 -30.04 27.77
C ALA B 75 -1.78 -29.40 27.72
N ASN B 76 -2.29 -29.21 26.50
CA ASN B 76 -3.57 -28.54 26.26
C ASN B 76 -3.60 -27.09 26.72
N HIS B 77 -2.42 -26.47 26.80
CA HIS B 77 -2.28 -25.09 27.23
C HIS B 77 -1.72 -24.24 26.09
N HIS B 78 -1.93 -22.94 26.22
CA HIS B 78 -1.61 -21.99 25.17
C HIS B 78 -0.61 -20.97 25.67
N TYR B 79 0.31 -20.61 24.79
CA TYR B 79 1.25 -19.53 25.06
C TYR B 79 0.90 -18.39 24.13
N TYR B 80 0.78 -17.19 24.68
CA TYR B 80 0.34 -16.02 23.94
C TYR B 80 1.42 -14.93 23.95
N CYS B 81 1.60 -14.28 22.79
CA CYS B 81 2.54 -13.16 22.63
C CYS B 81 1.99 -12.16 21.60
N GLU B 82 2.15 -10.88 21.89
CA GLU B 82 1.90 -9.82 20.93
C GLU B 82 3.23 -9.24 20.43
N PHE B 83 3.21 -8.73 19.20
CA PHE B 83 4.29 -7.96 18.61
C PHE B 83 3.73 -6.97 17.58
N SER B 84 4.58 -6.02 17.20
CA SER B 84 4.26 -4.98 16.24
C SER B 84 5.31 -4.88 15.12
N ILE B 85 4.87 -4.29 14.02
CA ILE B 85 5.71 -3.93 12.90
C ILE B 85 5.29 -2.56 12.41
N GLY B 86 6.17 -1.95 11.62
CA GLY B 86 5.94 -0.63 11.02
C GLY B 86 5.48 -0.85 9.61
N SER B 87 4.16 -0.97 9.45
CA SER B 87 3.56 -1.32 8.16
C SER B 87 2.08 -0.97 8.15
N ASN B 88 1.62 -0.67 6.94
CA ASN B 88 0.20 -0.58 6.66
C ASN B 88 -0.41 -1.98 6.57
N PRO B 89 -1.75 -2.08 6.50
CA PRO B 89 -2.41 -3.36 6.69
C PRO B 89 -1.92 -4.48 5.75
N PHE B 90 -1.77 -5.68 6.31
CA PHE B 90 -1.55 -6.88 5.52
C PHE B 90 -2.78 -7.20 4.66
N ARG B 91 -2.52 -7.56 3.40
CA ARG B 91 -3.57 -7.87 2.44
C ARG B 91 -3.63 -9.34 2.02
N TYR B 92 -2.59 -10.10 2.31
CA TYR B 92 -2.44 -11.46 1.75
C TYR B 92 -2.11 -12.48 2.82
N TYR B 93 -2.65 -13.69 2.66
CA TYR B 93 -2.32 -14.78 3.56
C TYR B 93 -0.82 -15.12 3.58
N SER B 94 -0.14 -15.00 2.43
CA SER B 94 1.32 -15.20 2.35
C SER B 94 2.14 -14.22 3.25
N ASP B 95 1.55 -13.10 3.63
CA ASP B 95 2.18 -12.18 4.61
C ASP B 95 2.36 -12.79 6.00
N GLY B 96 1.58 -13.82 6.34
CA GLY B 96 1.83 -14.60 7.54
C GLY B 96 3.06 -15.48 7.47
N PHE B 97 3.26 -16.24 8.56
CA PHE B 97 4.38 -17.17 8.68
C PHE B 97 4.32 -18.24 7.59
N ASN B 98 5.45 -18.46 6.88
CA ASN B 98 5.50 -19.54 5.87
C ASN B 98 5.54 -20.91 6.55
N GLU B 99 6.38 -20.98 7.58
CA GLU B 99 6.54 -22.17 8.38
C GLU B 99 6.87 -21.80 9.81
N ALA B 100 6.72 -22.80 10.66
CA ALA B 100 7.11 -22.68 12.05
C ALA B 100 7.53 -24.05 12.56
N MET B 101 8.27 -24.03 13.65
CA MET B 101 8.68 -25.27 14.30
C MET B 101 9.05 -24.98 15.74
N ILE B 102 9.25 -26.05 16.50
CA ILE B 102 9.64 -25.91 17.90
C ILE B 102 10.86 -26.76 18.24
N ASP B 103 11.53 -26.36 19.29
CA ASP B 103 12.62 -27.10 19.88
C ASP B 103 12.30 -27.19 21.36
N PHE B 104 12.61 -28.32 21.97
CA PHE B 104 12.31 -28.60 23.39
C PHE B 104 13.17 -29.74 23.91
N VAL B 105 13.05 -30.03 25.20
CA VAL B 105 13.88 -31.05 25.87
C VAL B 105 13.03 -32.10 26.57
N VAL B 106 13.18 -33.35 26.16
CA VAL B 106 12.57 -34.50 26.84
C VAL B 106 13.69 -35.38 27.40
N ASP B 107 13.69 -35.59 28.72
CA ASP B 107 14.68 -36.44 29.39
C ASP B 107 16.12 -36.06 29.04
N GLY B 108 16.42 -34.76 29.14
CA GLY B 108 17.75 -34.22 28.84
C GLY B 108 18.18 -34.09 27.37
N GLN B 109 17.35 -34.57 26.44
CA GLN B 109 17.73 -34.67 25.02
C GLN B 109 16.89 -33.73 24.11
N PRO B 110 17.55 -32.99 23.19
CA PRO B 110 16.84 -32.03 22.36
C PRO B 110 16.00 -32.69 21.28
N GLN B 111 14.79 -32.16 21.08
CA GLN B 111 13.86 -32.64 20.08
C GLN B 111 13.38 -31.50 19.20
N ARG B 112 12.91 -31.84 18.01
CA ARG B 112 12.38 -30.88 17.02
C ARG B 112 11.05 -31.35 16.48
N ALA B 113 10.08 -30.43 16.39
CA ALA B 113 8.79 -30.72 15.77
C ALA B 113 8.28 -29.57 14.91
N GLN B 114 7.74 -29.92 13.75
CA GLN B 114 7.05 -28.96 12.89
C GLN B 114 5.74 -28.49 13.57
N VAL B 115 5.44 -27.20 13.40
CA VAL B 115 4.23 -26.58 13.96
C VAL B 115 3.27 -26.27 12.81
N ASP B 116 2.00 -26.65 12.98
CA ASP B 116 0.95 -26.33 12.02
C ASP B 116 0.57 -24.86 12.14
N VAL B 117 0.78 -24.13 11.04
CA VAL B 117 0.61 -22.68 11.02
C VAL B 117 -0.73 -22.36 10.37
N THR B 118 -1.67 -21.89 11.17
CA THR B 118 -2.97 -21.46 10.66
C THR B 118 -2.81 -20.26 9.72
N PRO B 119 -3.66 -20.18 8.67
CA PRO B 119 -3.63 -18.97 7.85
C PRO B 119 -3.88 -17.72 8.69
N ILE B 120 -3.13 -16.67 8.42
CA ILE B 120 -3.27 -15.44 9.21
C ILE B 120 -4.71 -14.91 9.13
N VAL B 121 -5.28 -14.56 10.26
CA VAL B 121 -6.58 -13.91 10.28
C VAL B 121 -6.38 -12.43 9.92
N LEU B 122 -6.65 -12.08 8.66
CA LEU B 122 -6.50 -10.70 8.19
C LEU B 122 -7.65 -9.83 8.67
N ALA B 123 -7.34 -8.57 8.93
CA ALA B 123 -8.33 -7.54 9.24
C ALA B 123 -8.89 -6.86 7.99
N SER B 124 -8.03 -6.63 6.99
CA SER B 124 -8.33 -5.71 5.87
C SER B 124 -7.92 -6.22 4.47
N PRO B 125 -8.41 -7.43 4.12
CA PRO B 125 -8.22 -7.91 2.77
C PRO B 125 -8.91 -6.98 1.76
N TYR B 126 -8.40 -6.92 0.52
CA TYR B 126 -9.05 -6.18 -0.56
C TYR B 126 -10.44 -6.78 -0.77
N ARG B 127 -11.44 -5.95 -0.98
CA ARG B 127 -12.76 -6.45 -1.39
C ARG B 127 -12.86 -6.63 -2.91
N GLU B 128 -12.24 -5.70 -3.65
CA GLU B 128 -12.23 -5.73 -5.12
C GLU B 128 -11.50 -6.94 -5.71
N ARG B 129 -11.83 -7.25 -6.96
CA ARG B 129 -11.21 -8.32 -7.72
C ARG B 129 -10.74 -7.78 -9.07
N SER B 130 -9.62 -8.31 -9.55
CA SER B 130 -9.19 -8.08 -10.93
C SER B 130 -10.07 -8.95 -11.81
N ASP B 131 -10.74 -8.33 -12.76
CA ASP B 131 -11.67 -9.03 -13.65
C ASP B 131 -11.12 -8.95 -15.07
N ILE B 132 -10.91 -10.12 -15.66
CA ILE B 132 -10.51 -10.20 -17.06
C ILE B 132 -11.79 -10.43 -17.87
N PRO B 133 -12.10 -9.53 -18.83
CA PRO B 133 -13.33 -9.71 -19.62
C PRO B 133 -13.28 -10.95 -20.48
N ALA B 134 -14.45 -11.50 -20.79
CA ALA B 134 -14.56 -12.64 -21.70
C ALA B 134 -13.96 -12.25 -23.05
N SER B 135 -13.28 -13.19 -23.68
CA SER B 135 -12.54 -12.93 -24.91
C SER B 135 -12.86 -13.99 -25.96
N LEU B 136 -12.86 -13.56 -27.22
CA LEU B 136 -12.81 -14.47 -28.35
C LEU B 136 -11.41 -15.07 -28.45
N THR B 137 -11.31 -16.19 -29.15
CA THR B 137 -10.02 -16.84 -29.41
C THR B 137 -9.50 -16.41 -30.78
N HIS B 138 -8.31 -15.80 -30.80
CA HIS B 138 -7.67 -15.35 -32.05
C HIS B 138 -7.19 -16.55 -32.89
N ALA B 139 -7.42 -16.47 -34.20
CA ALA B 139 -7.07 -17.53 -35.17
C ALA B 139 -5.55 -17.78 -35.26
N GLN B 140 -4.78 -16.68 -35.28
CA GLN B 140 -3.32 -16.66 -35.05
C GLN B 140 -2.89 -16.18 -33.63
N PRO B 141 -2.72 -17.12 -32.68
CA PRO B 141 -2.28 -16.75 -31.31
C PRO B 141 -0.77 -16.51 -31.19
N LEU B 142 -0.35 -15.33 -31.61
CA LEU B 142 1.06 -15.01 -31.69
C LEU B 142 1.46 -14.02 -30.60
N LEU B 143 2.40 -14.45 -29.76
CA LEU B 143 2.94 -13.68 -28.63
C LEU B 143 4.47 -13.75 -28.67
N PRO B 144 5.17 -12.64 -28.83
CA PRO B 144 4.60 -11.33 -29.03
C PRO B 144 3.93 -11.14 -30.41
N LYS B 145 3.11 -10.11 -30.51
CA LYS B 145 2.45 -9.74 -31.75
C LYS B 145 3.54 -9.31 -32.72
N PRO B 146 3.59 -9.93 -33.92
CA PRO B 146 4.50 -9.41 -34.95
C PRO B 146 4.10 -8.00 -35.37
N ASN B 147 5.08 -7.22 -35.80
CA ASN B 147 4.86 -5.82 -36.13
C ASN B 147 4.11 -5.64 -37.46
N HIS B 148 4.28 -6.58 -38.38
CA HIS B 148 3.47 -6.62 -39.60
C HIS B 148 3.10 -8.05 -39.97
N ILE B 149 1.79 -8.32 -40.00
CA ILE B 149 1.23 -9.61 -40.43
C ILE B 149 0.02 -9.38 -41.35
N GLU B 150 0.05 -10.04 -42.51
CA GLU B 150 -1.07 -10.09 -43.45
C GLU B 150 -1.49 -11.55 -43.55
N VAL B 151 -2.79 -11.80 -43.42
CA VAL B 151 -3.34 -13.15 -43.45
C VAL B 151 -4.14 -13.34 -44.73
N SER B 152 -3.90 -14.44 -45.42
CA SER B 152 -4.67 -14.85 -46.59
C SER B 152 -5.77 -15.84 -46.21
N ASP B 153 -6.63 -16.14 -47.18
CA ASP B 153 -7.79 -17.01 -46.97
C ASP B 153 -7.44 -18.50 -46.89
N HIS B 154 -6.44 -18.92 -47.65
CA HIS B 154 -6.06 -20.33 -47.73
C HIS B 154 -5.20 -20.79 -46.54
N SER B 155 -4.87 -22.08 -46.52
CA SER B 155 -3.95 -22.67 -45.54
C SER B 155 -2.96 -23.66 -46.19
N PHE B 156 -1.90 -23.95 -45.45
CA PHE B 156 -0.90 -24.93 -45.86
C PHE B 156 -0.91 -26.10 -44.91
N THR B 157 -1.24 -27.27 -45.43
CA THR B 157 -1.24 -28.51 -44.66
C THR B 157 -0.04 -29.35 -45.08
N PHE B 158 0.68 -29.89 -44.09
CA PHE B 158 1.81 -30.77 -44.39
C PHE B 158 1.98 -31.88 -43.36
N ASP B 159 2.55 -32.97 -43.83
CA ASP B 159 2.79 -34.15 -43.02
C ASP B 159 4.29 -34.16 -42.63
N GLU B 160 4.72 -35.24 -41.99
CA GLU B 160 6.10 -35.41 -41.51
C GLU B 160 7.17 -35.57 -42.60
N GLN B 161 6.76 -35.73 -43.86
CA GLN B 161 7.68 -35.84 -45.02
C GLN B 161 7.85 -34.55 -45.83
N ALA B 162 7.32 -33.43 -45.34
CA ALA B 162 7.40 -32.16 -46.08
C ALA B 162 8.85 -31.74 -46.35
N GLY B 163 9.73 -32.00 -45.39
CA GLY B 163 11.17 -31.76 -45.53
C GLY B 163 11.56 -30.33 -45.20
N VAL B 164 12.75 -30.17 -44.61
CA VAL B 164 13.29 -28.85 -44.26
C VAL B 164 14.56 -28.58 -45.03
N ALA B 165 14.55 -27.50 -45.81
CA ALA B 165 15.68 -27.10 -46.64
C ALA B 165 16.33 -25.87 -46.03
N ILE B 166 17.67 -25.84 -46.03
CA ILE B 166 18.42 -24.72 -45.44
C ILE B 166 19.50 -24.29 -46.44
N TYR B 167 19.56 -22.99 -46.72
CA TYR B 167 20.50 -22.44 -47.71
C TYR B 167 21.48 -21.43 -47.13
N THR B 168 21.64 -21.46 -45.80
CA THR B 168 22.59 -20.61 -45.08
C THR B 168 22.92 -21.20 -43.72
N ASP B 169 24.21 -21.12 -43.34
CA ASP B 169 24.66 -21.63 -42.03
C ASP B 169 24.14 -20.82 -40.84
N LEU B 170 23.75 -19.57 -41.10
CA LEU B 170 23.08 -18.74 -40.11
C LEU B 170 21.80 -19.36 -39.54
N ALA B 171 21.11 -20.19 -40.34
CA ALA B 171 19.85 -20.83 -39.93
C ALA B 171 19.99 -22.16 -39.20
N ASN B 172 21.22 -22.65 -39.02
CA ASN B 172 21.46 -24.00 -38.46
C ASN B 172 20.94 -24.22 -37.04
N SER B 173 21.25 -23.25 -36.18
CA SER B 173 20.83 -23.28 -34.78
C SER B 173 19.30 -23.26 -34.68
N ALA B 174 18.68 -22.38 -35.46
CA ALA B 174 17.24 -22.19 -35.43
C ALA B 174 16.52 -23.40 -35.94
N LYS B 175 17.02 -23.94 -37.05
CA LYS B 175 16.43 -25.11 -37.65
C LYS B 175 16.45 -26.28 -36.68
N ALA B 176 17.59 -26.54 -36.05
CA ALA B 176 17.69 -27.62 -35.06
C ALA B 176 16.65 -27.49 -33.94
N TRP B 177 16.51 -26.26 -33.41
CA TRP B 177 15.57 -25.91 -32.34
C TRP B 177 14.13 -26.14 -32.73
N LEU B 178 13.74 -25.71 -33.92
CA LEU B 178 12.38 -25.94 -34.41
C LEU B 178 12.03 -27.42 -34.38
N LEU B 179 12.95 -28.24 -34.90
CA LEU B 179 12.73 -29.68 -34.96
C LEU B 179 12.62 -30.29 -33.58
N GLU B 180 13.53 -29.90 -32.68
CA GLU B 180 13.47 -30.31 -31.29
C GLU B 180 12.10 -30.03 -30.68
N GLU B 181 11.60 -28.81 -30.86
CA GLU B 181 10.38 -28.36 -30.20
C GLU B 181 9.14 -29.02 -30.78
N LEU B 182 9.09 -29.16 -32.10
CA LEU B 182 8.02 -29.91 -32.77
C LEU B 182 7.97 -31.36 -32.29
N GLN B 183 9.12 -31.97 -32.11
CA GLN B 183 9.20 -33.32 -31.53
C GLN B 183 8.77 -33.31 -30.05
N ARG B 184 9.36 -32.40 -29.26
CA ARG B 184 9.08 -32.36 -27.82
C ARG B 184 7.63 -32.01 -27.50
N ILE B 185 7.08 -30.99 -28.17
CA ILE B 185 5.74 -30.51 -27.89
C ILE B 185 4.69 -31.42 -28.52
N HIS B 186 4.82 -31.67 -29.82
CA HIS B 186 3.78 -32.34 -30.63
C HIS B 186 4.10 -33.78 -31.07
N GLN B 187 5.32 -34.26 -30.79
CA GLN B 187 5.78 -35.57 -31.28
C GLN B 187 5.76 -35.64 -32.82
N PHE B 188 5.99 -34.48 -33.45
CA PHE B 188 5.92 -34.31 -34.89
C PHE B 188 7.36 -34.21 -35.41
N THR B 189 7.76 -35.19 -36.21
CA THR B 189 9.15 -35.38 -36.66
C THR B 189 9.35 -34.87 -38.08
N LEU B 190 10.25 -33.90 -38.24
CA LEU B 190 10.65 -33.41 -39.56
C LEU B 190 12.11 -33.74 -39.79
N SER B 191 12.48 -33.92 -41.06
CA SER B 191 13.84 -34.24 -41.47
C SER B 191 14.41 -33.22 -42.44
N SER B 192 15.72 -33.24 -42.54
CA SER B 192 16.47 -32.38 -43.42
C SER B 192 16.33 -32.87 -44.86
N SER B 193 16.02 -31.96 -45.78
CA SER B 193 15.84 -32.27 -47.20
C SER B 193 16.13 -31.05 -48.05
N ASN B 194 17.03 -31.21 -49.00
CA ASN B 194 17.39 -30.15 -49.92
C ASN B 194 16.22 -29.75 -50.83
N SER B 195 15.27 -30.68 -51.01
CA SER B 195 14.05 -30.45 -51.78
C SER B 195 12.81 -30.26 -50.88
N GLY B 196 13.03 -29.73 -49.68
CA GLY B 196 11.97 -29.56 -48.69
C GLY B 196 10.95 -28.46 -48.98
N LYS B 197 9.78 -28.61 -48.39
CA LYS B 197 8.72 -27.59 -48.45
C LYS B 197 8.95 -26.39 -47.52
N ILE B 198 9.73 -26.59 -46.46
CA ILE B 198 10.05 -25.53 -45.49
C ILE B 198 11.48 -25.06 -45.71
N ILE B 199 11.62 -23.81 -46.16
CA ILE B 199 12.90 -23.25 -46.63
C ILE B 199 13.45 -22.18 -45.70
N PHE B 200 14.74 -22.27 -45.40
CA PHE B 200 15.49 -21.24 -44.67
C PHE B 200 16.47 -20.56 -45.64
N LYS B 201 16.22 -19.29 -45.92
CA LYS B 201 16.94 -18.54 -46.95
C LYS B 201 17.51 -17.28 -46.33
N SER B 202 18.73 -16.91 -46.72
CA SER B 202 19.36 -15.71 -46.18
C SER B 202 18.89 -14.46 -46.94
N ASN B 203 18.75 -13.36 -46.20
CA ASN B 203 18.48 -12.03 -46.75
C ASN B 203 19.29 -11.01 -45.96
N PRO B 204 20.44 -10.57 -46.52
CA PRO B 204 21.33 -9.62 -45.82
C PRO B 204 20.78 -8.20 -45.56
N THR B 205 19.72 -7.79 -46.25
CA THR B 205 19.11 -6.46 -46.03
C THR B 205 18.39 -6.33 -44.68
N LEU B 206 17.91 -7.45 -44.14
CA LEU B 206 17.21 -7.49 -42.86
C LEU B 206 18.17 -7.25 -41.70
N ASP B 207 17.77 -6.42 -40.74
CA ASP B 207 18.56 -6.10 -39.56
C ASP B 207 18.57 -7.25 -38.54
N GLU B 208 19.47 -7.12 -37.57
CA GLU B 208 19.61 -8.09 -36.48
C GLU B 208 18.28 -8.40 -35.79
N GLY B 209 17.90 -9.67 -35.78
CA GLY B 209 16.69 -10.14 -35.12
C GLY B 209 15.45 -10.09 -35.99
N ALA B 210 15.52 -9.37 -37.10
CA ALA B 210 14.42 -9.25 -38.02
C ALA B 210 14.34 -10.47 -38.94
N TYR B 211 13.13 -10.77 -39.38
CA TYR B 211 12.87 -11.92 -40.21
C TYR B 211 11.64 -11.66 -41.08
N LYS B 212 11.52 -12.45 -42.14
CA LYS B 212 10.35 -12.53 -42.97
C LYS B 212 9.89 -13.95 -42.89
N LEU B 213 8.58 -14.14 -42.86
CA LEU B 213 8.00 -15.47 -42.79
C LEU B 213 6.77 -15.45 -43.69
N LYS B 214 6.85 -16.22 -44.77
CA LYS B 214 5.77 -16.30 -45.73
C LYS B 214 5.27 -17.74 -45.77
N VAL B 215 4.00 -17.93 -45.48
CA VAL B 215 3.33 -19.22 -45.65
C VAL B 215 2.52 -19.17 -46.95
N SER B 216 2.82 -20.09 -47.87
CA SER B 216 2.07 -20.28 -49.12
C SER B 216 1.30 -21.60 -49.07
N GLU B 217 0.52 -21.90 -50.11
CA GLU B 217 -0.33 -23.10 -50.16
C GLU B 217 0.39 -24.44 -50.07
N GLU B 218 1.60 -24.53 -50.62
CA GLU B 218 2.41 -25.76 -50.57
C GLU B 218 3.85 -25.54 -50.08
N SER B 219 4.13 -24.40 -49.46
CA SER B 219 5.46 -24.12 -48.97
C SER B 219 5.49 -23.02 -47.90
N ILE B 220 6.51 -23.09 -47.05
CA ILE B 220 6.83 -22.06 -46.07
C ILE B 220 8.23 -21.56 -46.35
N LYS B 221 8.39 -20.24 -46.45
CA LYS B 221 9.67 -19.60 -46.65
C LYS B 221 10.02 -18.69 -45.47
N ILE B 222 11.21 -18.88 -44.91
CA ILE B 222 11.70 -18.03 -43.82
C ILE B 222 12.97 -17.35 -44.27
N GLU B 223 13.01 -16.03 -44.12
CA GLU B 223 14.15 -15.23 -44.49
C GLU B 223 14.68 -14.46 -43.28
N ALA B 224 16.00 -14.42 -43.15
CA ALA B 224 16.64 -13.58 -42.14
C ALA B 224 18.05 -13.26 -42.58
N GLY B 225 18.65 -12.27 -41.94
CA GLY B 225 20.06 -11.89 -42.17
C GLY B 225 20.95 -12.17 -40.97
N SER B 226 20.43 -12.92 -40.01
CA SER B 226 21.13 -13.14 -38.75
C SER B 226 20.56 -14.36 -38.07
N SER B 227 21.41 -15.01 -37.29
CA SER B 227 21.00 -16.20 -36.55
C SER B 227 19.80 -15.95 -35.62
N SER B 228 19.80 -14.81 -34.94
CA SER B 228 18.68 -14.44 -34.05
C SER B 228 17.37 -14.25 -34.83
N GLY B 229 17.47 -13.68 -36.03
CA GLY B 229 16.32 -13.55 -36.93
C GLY B 229 15.66 -14.88 -37.24
N PHE B 230 16.46 -15.88 -37.59
CA PHE B 230 15.94 -17.22 -37.88
C PHE B 230 15.31 -17.86 -36.65
N THR B 231 15.92 -17.67 -35.48
CA THR B 231 15.36 -18.19 -34.23
C THR B 231 14.01 -17.53 -33.92
N HIS B 232 13.95 -16.20 -34.07
CA HIS B 232 12.69 -15.48 -33.82
C HIS B 232 11.60 -15.98 -34.75
N ALA B 233 11.95 -16.15 -36.04
CA ALA B 233 11.05 -16.74 -37.04
C ALA B 233 10.49 -18.12 -36.68
N CYS B 234 11.33 -18.97 -36.11
CA CYS B 234 10.90 -20.31 -35.69
C CYS B 234 9.99 -20.23 -34.46
N ALA B 235 10.24 -19.26 -33.57
CA ALA B 235 9.36 -19.03 -32.41
C ALA B 235 7.95 -18.63 -32.84
N THR B 236 7.85 -17.77 -33.85
CA THR B 236 6.55 -17.44 -34.48
C THR B 236 5.87 -18.63 -35.12
N LEU B 237 6.64 -19.43 -35.85
CA LEU B 237 6.15 -20.58 -36.58
C LEU B 237 5.55 -21.64 -35.64
N LEU B 238 6.19 -21.89 -34.51
CA LEU B 238 5.63 -22.78 -33.47
C LEU B 238 4.25 -22.36 -32.93
N GLN B 239 4.01 -21.05 -32.83
CA GLN B 239 2.74 -20.51 -32.38
C GLN B 239 1.70 -20.52 -33.49
N LEU B 240 2.17 -20.40 -34.72
CA LEU B 240 1.32 -20.38 -35.91
C LEU B 240 0.83 -21.77 -36.32
N LEU B 241 1.64 -22.79 -36.09
CA LEU B 241 1.28 -24.15 -36.48
C LEU B 241 0.17 -24.73 -35.61
N LYS B 242 -0.81 -25.35 -36.27
CA LYS B 242 -1.89 -26.06 -35.60
C LYS B 242 -1.80 -27.54 -35.94
N ARG B 243 -1.95 -28.39 -34.94
CA ARG B 243 -1.80 -29.82 -35.11
C ARG B 243 -3.18 -30.45 -35.24
N ASP B 244 -3.32 -31.40 -36.16
CA ASP B 244 -4.53 -32.21 -36.26
C ASP B 244 -4.19 -33.60 -35.72
N GLU B 245 -4.91 -34.03 -34.67
CA GLU B 245 -4.69 -35.35 -34.07
C GLU B 245 -5.07 -36.50 -35.02
N ALA B 246 -6.17 -36.32 -35.75
CA ALA B 246 -6.69 -37.36 -36.64
C ALA B 246 -5.71 -37.79 -37.74
N THR B 247 -5.11 -36.82 -38.44
CA THR B 247 -4.28 -37.09 -39.63
C THR B 247 -2.75 -37.09 -39.40
N LYS B 248 -2.29 -36.60 -38.26
CA LYS B 248 -0.84 -36.47 -37.95
C LYS B 248 -0.17 -35.52 -38.96
N THR B 249 -0.80 -34.36 -39.11
CA THR B 249 -0.35 -33.29 -40.01
C THR B 249 -0.44 -31.95 -39.29
N MET B 250 0.30 -30.98 -39.81
CA MET B 250 0.34 -29.62 -39.30
C MET B 250 -0.31 -28.69 -40.30
N GLU B 251 -0.88 -27.61 -39.79
CA GLU B 251 -1.56 -26.61 -40.61
C GLU B 251 -1.08 -25.21 -40.20
N ALA B 252 -0.75 -24.41 -41.20
CA ALA B 252 -0.42 -23.01 -40.99
C ALA B 252 -1.23 -22.19 -41.96
N VAL B 253 -1.79 -21.09 -41.46
CA VAL B 253 -2.56 -20.20 -42.30
C VAL B 253 -1.60 -19.54 -43.28
N CYS B 254 -2.04 -19.37 -44.52
CA CYS B 254 -1.29 -18.61 -45.50
C CYS B 254 -1.19 -17.17 -45.00
N CYS B 255 0.02 -16.62 -45.03
CA CYS B 255 0.25 -15.30 -44.48
C CYS B 255 1.61 -14.73 -44.89
N SER B 256 1.75 -13.42 -44.74
CA SER B 256 3.02 -12.71 -44.95
C SER B 256 3.35 -11.98 -43.66
N ILE B 257 4.51 -12.30 -43.07
CA ILE B 257 4.95 -11.68 -41.81
C ILE B 257 6.29 -10.99 -42.02
N ILE B 258 6.39 -9.73 -41.61
CA ILE B 258 7.64 -8.97 -41.61
C ILE B 258 7.78 -8.41 -40.19
N ASP B 259 8.87 -8.79 -39.50
CA ASP B 259 8.94 -8.58 -38.07
C ASP B 259 10.32 -8.14 -37.64
N SER B 260 10.36 -7.29 -36.63
CA SER B 260 11.60 -6.69 -36.12
C SER B 260 11.48 -6.41 -34.62
N PRO B 261 12.55 -6.65 -33.83
CA PRO B 261 12.53 -6.31 -32.39
C PRO B 261 12.57 -4.81 -32.07
N ARG B 262 11.60 -4.34 -31.29
CA ARG B 262 11.60 -2.95 -30.86
C ARG B 262 12.87 -2.58 -30.12
N PHE B 263 13.24 -3.39 -29.13
CA PHE B 263 14.43 -3.17 -28.30
C PHE B 263 15.49 -4.25 -28.49
N ARG B 264 16.76 -3.86 -28.41
CA ARG B 264 17.89 -4.77 -28.55
C ARG B 264 18.00 -5.78 -27.41
N TYR B 265 17.86 -5.33 -26.16
CA TYR B 265 17.93 -6.20 -24.97
C TYR B 265 16.53 -6.56 -24.49
N ARG B 266 16.22 -7.85 -24.47
CA ARG B 266 14.90 -8.35 -24.05
C ARG B 266 15.17 -9.50 -23.07
N GLY B 267 15.05 -9.19 -21.79
CA GLY B 267 15.57 -10.08 -20.75
C GLY B 267 14.65 -10.49 -19.61
N MET B 268 15.09 -11.53 -18.92
CA MET B 268 14.41 -12.05 -17.77
C MET B 268 15.46 -12.39 -16.75
N MET B 269 15.31 -11.86 -15.53
CA MET B 269 16.18 -12.19 -14.41
C MET B 269 15.50 -13.23 -13.52
N LEU B 270 16.19 -14.33 -13.22
CA LEU B 270 15.71 -15.32 -12.26
C LEU B 270 16.62 -15.37 -11.09
N ASP B 271 16.03 -15.22 -9.91
CA ASP B 271 16.70 -15.28 -8.61
C ASP B 271 16.88 -16.74 -8.20
N CYS B 272 18.14 -17.21 -8.21
CA CYS B 272 18.48 -18.57 -7.79
C CYS B 272 19.12 -18.65 -6.40
N ALA B 273 19.35 -17.51 -5.79
CA ALA B 273 19.95 -17.48 -4.47
C ALA B 273 18.93 -17.71 -3.36
N ARG B 274 17.78 -17.08 -3.44
CA ARG B 274 16.76 -17.18 -2.37
C ARG B 274 16.22 -18.60 -2.25
N HIS B 275 16.00 -19.23 -3.41
CA HIS B 275 15.68 -20.63 -3.50
C HIS B 275 16.40 -21.18 -4.73
N PHE B 276 16.99 -22.37 -4.55
CA PHE B 276 17.77 -22.98 -5.58
C PHE B 276 16.80 -23.69 -6.51
N HIS B 277 17.00 -23.50 -7.82
CA HIS B 277 16.16 -24.11 -8.84
C HIS B 277 17.06 -24.99 -9.64
N SER B 278 16.61 -26.21 -9.91
CA SER B 278 17.46 -27.22 -10.56
C SER B 278 17.89 -26.82 -11.98
N VAL B 279 18.96 -27.48 -12.45
CA VAL B 279 19.42 -27.34 -13.84
C VAL B 279 18.34 -27.63 -14.87
N GLU B 280 17.56 -28.69 -14.63
CA GLU B 280 16.44 -29.02 -15.52
C GLU B 280 15.38 -27.90 -15.58
N GLN B 281 15.10 -27.29 -14.42
CA GLN B 281 14.16 -26.19 -14.33
C GLN B 281 14.65 -24.92 -15.02
N VAL B 282 15.92 -24.58 -14.81
CA VAL B 282 16.53 -23.42 -15.47
C VAL B 282 16.48 -23.60 -17.00
N LYS B 283 16.88 -24.78 -17.47
CA LYS B 283 16.84 -25.09 -18.91
C LYS B 283 15.43 -24.89 -19.43
N ARG B 284 14.47 -25.50 -18.74
CA ARG B 284 13.07 -25.40 -19.14
C ARG B 284 12.57 -23.93 -19.27
N LEU B 285 12.98 -23.08 -18.32
CA LEU B 285 12.62 -21.66 -18.36
C LEU B 285 13.30 -20.95 -19.53
N ILE B 286 14.61 -21.14 -19.67
CA ILE B 286 15.38 -20.59 -20.80
C ILE B 286 14.75 -20.83 -22.17
N ASN B 287 14.29 -22.07 -22.40
CA ASN B 287 13.63 -22.47 -23.64
C ASN B 287 12.29 -21.79 -23.80
N LEU B 288 11.52 -21.73 -22.71
CA LEU B 288 10.30 -20.91 -22.67
C LEU B 288 10.58 -19.41 -22.96
N LEU B 289 11.69 -18.89 -22.48
CA LEU B 289 12.08 -17.51 -22.79
C LEU B 289 12.24 -17.29 -24.29
N ALA B 290 12.89 -18.23 -24.97
CA ALA B 290 13.05 -18.16 -26.43
C ALA B 290 11.75 -18.24 -27.21
N HIS B 291 10.74 -18.92 -26.66
CA HIS B 291 9.42 -18.94 -27.30
C HIS B 291 8.76 -17.56 -27.47
N TYR B 292 9.07 -16.62 -26.58
CA TYR B 292 8.52 -15.25 -26.66
C TYR B 292 9.58 -14.22 -27.09
N LYS B 293 10.67 -14.72 -27.69
CA LYS B 293 11.67 -13.95 -28.43
C LYS B 293 12.57 -13.12 -27.53
N LEU B 294 12.68 -13.55 -26.28
CA LEU B 294 13.61 -12.94 -25.34
C LEU B 294 15.01 -13.47 -25.66
N ASN B 295 16.03 -12.62 -25.54
CA ASN B 295 17.41 -12.99 -25.89
C ASN B 295 18.42 -12.98 -24.73
N THR B 296 17.96 -12.65 -23.53
CA THR B 296 18.85 -12.53 -22.39
C THR B 296 18.29 -13.20 -21.14
N PHE B 297 19.12 -14.02 -20.51
CA PHE B 297 18.81 -14.62 -19.24
C PHE B 297 19.85 -14.08 -18.26
N HIS B 298 19.35 -13.43 -17.21
CA HIS B 298 20.16 -12.84 -16.18
C HIS B 298 20.06 -13.76 -14.98
N TRP B 299 21.17 -14.42 -14.67
CA TRP B 299 21.26 -15.42 -13.63
C TRP B 299 21.71 -14.76 -12.31
N HIS B 300 20.74 -14.54 -11.42
CA HIS B 300 21.03 -13.95 -10.13
C HIS B 300 21.52 -15.08 -9.23
N LEU B 301 22.84 -15.24 -9.22
CA LEU B 301 23.51 -16.44 -8.67
C LEU B 301 23.88 -16.35 -7.18
N THR B 302 24.01 -15.15 -6.65
CA THR B 302 24.47 -14.93 -5.29
C THR B 302 23.63 -13.88 -4.56
N ASP B 303 23.37 -14.15 -3.28
CA ASP B 303 22.70 -13.19 -2.41
C ASP B 303 23.05 -13.52 -0.96
N ASP B 304 22.29 -12.96 -0.02
CA ASP B 304 22.49 -13.24 1.40
C ASP B 304 22.16 -14.68 1.77
N GLU B 305 21.14 -15.24 1.11
CA GLU B 305 20.54 -16.51 1.50
C GLU B 305 21.13 -17.71 0.78
N GLY B 306 22.05 -17.46 -0.15
CA GLY B 306 22.72 -18.55 -0.87
C GLY B 306 23.74 -18.08 -1.91
N TRP B 307 24.79 -18.89 -2.06
CA TRP B 307 25.78 -18.77 -3.14
C TRP B 307 25.64 -20.01 -4.00
N ARG B 308 25.36 -19.84 -5.29
CA ARG B 308 24.95 -20.96 -6.16
C ARG B 308 25.90 -21.27 -7.33
N VAL B 309 27.09 -20.68 -7.34
CA VAL B 309 28.03 -20.87 -8.43
C VAL B 309 29.37 -21.42 -7.92
N GLU B 310 29.78 -22.55 -8.47
CA GLU B 310 31.02 -23.20 -8.05
C GLU B 310 32.24 -22.38 -8.49
N ILE B 311 33.07 -22.02 -7.51
CA ILE B 311 34.37 -21.40 -7.72
C ILE B 311 35.38 -22.44 -7.22
N LYS B 312 36.22 -22.95 -8.12
CA LYS B 312 37.19 -24.02 -7.82
C LYS B 312 38.29 -23.56 -6.87
N SER B 313 38.77 -22.33 -7.07
CA SER B 313 39.77 -21.71 -6.19
C SER B 313 39.23 -21.44 -4.78
N LEU B 314 37.91 -21.28 -4.66
CA LEU B 314 37.29 -21.07 -3.37
C LEU B 314 36.18 -22.07 -3.11
N PRO B 315 36.55 -23.36 -2.85
CA PRO B 315 35.58 -24.46 -2.63
C PRO B 315 34.49 -24.18 -1.59
N GLN B 316 34.83 -23.38 -0.57
CA GLN B 316 33.95 -23.11 0.58
C GLN B 316 32.63 -22.39 0.22
N LEU B 317 32.63 -21.60 -0.86
CA LEU B 317 31.47 -20.82 -1.25
C LEU B 317 30.26 -21.71 -1.57
N THR B 318 30.49 -22.83 -2.23
CA THR B 318 29.44 -23.81 -2.47
C THR B 318 29.34 -24.85 -1.35
N GLU B 319 30.48 -25.25 -0.78
CA GLU B 319 30.49 -26.26 0.29
C GLU B 319 29.77 -25.80 1.56
N ILE B 320 29.99 -24.54 1.95
CA ILE B 320 29.26 -23.90 3.05
C ILE B 320 28.07 -23.09 2.51
N GLY B 321 28.38 -22.18 1.60
CA GLY B 321 27.47 -21.10 1.25
C GLY B 321 26.30 -21.45 0.37
N ALA B 322 26.29 -22.64 -0.23
CA ALA B 322 25.12 -23.14 -0.99
C ALA B 322 24.09 -23.85 -0.12
N TRP B 323 24.33 -23.92 1.20
CA TRP B 323 23.46 -24.65 2.12
C TRP B 323 23.09 -23.79 3.34
N ARG B 324 21.88 -23.99 3.83
CA ARG B 324 21.41 -23.29 5.02
C ARG B 324 20.52 -24.19 5.85
N GLY B 325 20.54 -23.96 7.15
CA GLY B 325 19.78 -24.76 8.08
C GLY B 325 20.17 -24.57 9.52
N ILE B 326 19.43 -25.25 10.38
CA ILE B 326 19.65 -25.25 11.82
C ILE B 326 21.01 -25.83 12.18
N ASP B 327 21.42 -26.89 11.48
CA ASP B 327 22.74 -27.51 11.68
C ASP B 327 23.87 -26.86 10.85
N GLU B 328 23.51 -26.06 9.86
CA GLU B 328 24.48 -25.39 9.00
C GLU B 328 24.96 -24.09 9.62
N THR B 329 26.07 -23.60 9.06
CA THR B 329 26.66 -22.33 9.44
C THR B 329 25.69 -21.17 9.16
N ILE B 330 25.05 -21.22 8.00
CA ILE B 330 24.03 -20.24 7.57
C ILE B 330 22.64 -20.67 8.06
N GLU B 331 21.94 -19.74 8.73
CA GLU B 331 20.58 -20.03 9.25
C GLU B 331 19.56 -20.27 8.12
N PRO B 332 18.48 -21.02 8.43
CA PRO B 332 17.41 -21.18 7.43
C PRO B 332 16.72 -19.85 7.10
N GLN B 333 16.15 -19.77 5.91
CA GLN B 333 15.41 -18.58 5.48
C GLN B 333 14.19 -18.99 4.66
N TYR B 334 13.09 -18.27 4.90
CA TYR B 334 11.85 -18.34 4.14
C TYR B 334 11.03 -19.62 4.26
N THR B 335 11.63 -20.74 3.89
CA THR B 335 11.01 -22.07 3.91
C THR B 335 12.03 -23.12 4.34
N HIS B 336 11.58 -24.37 4.41
CA HIS B 336 12.43 -25.54 4.71
C HIS B 336 13.19 -25.37 6.00
N LEU B 337 12.52 -24.91 7.05
CA LEU B 337 13.22 -24.63 8.32
C LEU B 337 13.81 -25.87 8.99
N SER B 338 13.12 -27.01 8.83
CA SER B 338 13.52 -28.26 9.48
C SER B 338 14.71 -28.99 8.83
N GLN B 339 14.96 -28.71 7.55
CA GLN B 339 15.95 -29.48 6.78
C GLN B 339 17.23 -28.68 6.52
N ARG B 340 18.12 -29.32 5.75
CA ARG B 340 19.29 -28.68 5.19
C ARG B 340 18.92 -28.31 3.76
N TYR B 341 18.74 -27.02 3.48
CA TYR B 341 18.22 -26.59 2.18
C TYR B 341 19.31 -25.97 1.32
N GLY B 342 19.32 -26.36 0.04
CA GLY B 342 20.19 -25.70 -0.92
C GLY B 342 20.52 -26.44 -2.19
N GLY B 343 21.72 -26.15 -2.70
CA GLY B 343 22.17 -26.66 -3.98
C GLY B 343 22.96 -25.58 -4.68
N PHE B 344 23.71 -25.98 -5.69
CA PHE B 344 24.51 -25.05 -6.47
C PHE B 344 24.72 -25.64 -7.86
N TYR B 345 25.18 -24.80 -8.79
CA TYR B 345 25.46 -25.23 -10.15
C TYR B 345 26.96 -25.43 -10.27
N THR B 346 27.37 -26.59 -10.77
CA THR B 346 28.79 -26.82 -11.03
C THR B 346 29.16 -26.06 -12.30
N GLN B 347 30.46 -25.84 -12.48
CA GLN B 347 30.96 -25.24 -13.72
C GLN B 347 30.67 -26.12 -14.95
N GLU B 348 30.59 -27.44 -14.76
CA GLU B 348 30.25 -28.37 -15.85
C GLU B 348 28.77 -28.22 -16.24
N GLU B 349 27.90 -28.08 -15.23
CA GLU B 349 26.46 -27.80 -15.47
C GLU B 349 26.23 -26.42 -16.10
N ILE B 350 26.88 -25.39 -15.59
CA ILE B 350 26.77 -24.03 -16.15
C ILE B 350 27.17 -24.00 -17.64
N ARG B 351 28.31 -24.63 -17.96
CA ARG B 351 28.72 -24.84 -19.37
C ARG B 351 27.63 -25.51 -20.21
N ASP B 352 27.01 -26.55 -19.66
CA ASP B 352 25.89 -27.23 -20.32
C ASP B 352 24.67 -26.30 -20.58
N VAL B 353 24.34 -25.45 -19.59
CA VAL B 353 23.23 -24.50 -19.69
C VAL B 353 23.53 -23.36 -20.68
N ILE B 354 24.76 -22.84 -20.67
CA ILE B 354 25.21 -21.85 -21.65
C ILE B 354 25.10 -22.36 -23.08
N ALA B 355 25.54 -23.59 -23.30
CA ALA B 355 25.44 -24.22 -24.62
C ALA B 355 23.99 -24.35 -25.02
N PHE B 356 23.17 -24.83 -24.10
CA PHE B 356 21.72 -25.00 -24.29
C PHE B 356 21.03 -23.67 -24.62
N ALA B 357 21.38 -22.62 -23.90
CA ALA B 357 20.81 -21.29 -24.12
C ALA B 357 21.22 -20.70 -25.46
N GLU B 358 22.50 -20.82 -25.80
CA GLU B 358 23.06 -20.38 -27.09
C GLU B 358 22.31 -20.96 -28.30
N GLN B 359 21.92 -22.23 -28.20
CA GLN B 359 21.13 -22.93 -29.21
C GLN B 359 19.79 -22.26 -29.53
N ARG B 360 19.28 -21.47 -28.59
CA ARG B 360 18.03 -20.71 -28.71
C ARG B 360 18.26 -19.22 -28.79
N GLY B 361 19.48 -18.81 -29.12
CA GLY B 361 19.86 -17.40 -29.17
C GLY B 361 19.72 -16.64 -27.86
N ILE B 362 20.03 -17.30 -26.74
CA ILE B 362 19.94 -16.66 -25.43
C ILE B 362 21.32 -16.46 -24.86
N THR B 363 21.65 -15.20 -24.55
CA THR B 363 22.84 -14.82 -23.83
C THR B 363 22.58 -14.91 -22.32
N ILE B 364 23.54 -15.46 -21.59
CA ILE B 364 23.46 -15.53 -20.15
C ILE B 364 24.40 -14.50 -19.52
N ILE B 365 23.85 -13.65 -18.66
CA ILE B 365 24.63 -12.69 -17.88
C ILE B 365 24.65 -13.15 -16.40
N PRO B 366 25.84 -13.38 -15.83
CA PRO B 366 25.92 -13.76 -14.45
C PRO B 366 25.94 -12.56 -13.54
N GLU B 367 25.42 -12.71 -12.33
CA GLU B 367 25.47 -11.67 -11.32
C GLU B 367 26.11 -12.15 -10.04
N ILE B 368 27.14 -11.42 -9.63
CA ILE B 368 27.84 -11.63 -8.37
C ILE B 368 27.68 -10.33 -7.59
N ASP B 369 27.05 -10.40 -6.42
CA ASP B 369 26.71 -9.21 -5.63
C ASP B 369 27.78 -8.79 -4.64
N VAL B 370 28.31 -7.58 -4.81
CA VAL B 370 29.20 -6.94 -3.85
C VAL B 370 28.88 -5.43 -3.84
N PRO B 371 29.25 -4.68 -2.77
CA PRO B 371 29.76 -5.22 -1.49
C PRO B 371 28.64 -5.68 -0.59
N GLY B 372 27.43 -5.24 -0.87
CA GLY B 372 26.25 -5.67 -0.14
C GLY B 372 25.71 -6.97 -0.68
N HIS B 373 24.67 -7.46 -0.01
CA HIS B 373 24.03 -8.74 -0.32
C HIS B 373 25.05 -9.92 -0.37
N CYS B 374 26.01 -9.90 0.55
CA CYS B 374 27.13 -10.83 0.48
C CYS B 374 27.22 -11.79 1.68
N ARG B 375 26.09 -12.02 2.37
CA ARG B 375 26.11 -12.78 3.62
C ARG B 375 26.58 -14.24 3.49
N ALA B 376 26.19 -14.89 2.39
CA ALA B 376 26.49 -16.30 2.18
C ALA B 376 27.97 -16.48 1.95
N ALA B 377 28.56 -15.57 1.18
CA ALA B 377 30.02 -15.51 0.99
C ALA B 377 30.80 -15.22 2.26
N ILE B 378 30.30 -14.30 3.09
CA ILE B 378 31.01 -13.92 4.33
C ILE B 378 31.03 -15.06 5.35
N LYS B 379 29.94 -15.82 5.43
CA LYS B 379 29.91 -17.00 6.30
C LYS B 379 30.76 -18.16 5.78
N SER B 380 31.02 -18.17 4.47
CA SER B 380 31.85 -19.19 3.84
C SER B 380 33.35 -18.92 4.05
N LEU B 381 33.74 -17.64 4.04
CA LEU B 381 35.14 -17.25 4.09
C LEU B 381 35.41 -16.24 5.23
N PRO B 382 35.12 -16.62 6.49
CA PRO B 382 35.35 -15.72 7.65
C PRO B 382 36.77 -15.19 7.76
N HIS B 383 37.78 -16.04 7.54
CA HIS B 383 39.18 -15.63 7.69
C HIS B 383 39.59 -14.65 6.60
N LEU B 384 39.03 -14.80 5.40
CA LEU B 384 39.21 -13.78 4.34
C LEU B 384 38.42 -12.48 4.54
N LEU B 385 37.16 -12.59 4.96
CA LEU B 385 36.19 -11.48 4.81
C LEU B 385 35.70 -10.80 6.10
N ILE B 386 36.06 -11.34 7.26
CA ILE B 386 35.63 -10.74 8.53
C ILE B 386 36.78 -9.99 9.17
N GLU B 387 36.48 -8.76 9.60
CA GLU B 387 37.34 -8.01 10.51
C GLU B 387 36.78 -8.17 11.91
N ALA B 388 37.54 -8.82 12.78
CA ALA B 388 37.13 -9.07 14.17
C ALA B 388 36.88 -7.76 14.95
N GLU B 389 37.73 -6.77 14.72
CA GLU B 389 37.70 -5.49 15.42
C GLU B 389 36.46 -4.62 15.14
N ASP B 390 35.83 -4.80 13.96
CA ASP B 390 34.67 -4.00 13.55
C ASP B 390 33.48 -4.22 14.49
N THR B 391 33.02 -3.14 15.09
CA THR B 391 31.87 -3.14 16.02
C THR B 391 30.61 -2.49 15.42
N THR B 392 30.67 -2.08 14.15
CA THR B 392 29.64 -1.27 13.50
C THR B 392 28.27 -1.92 13.54
N GLU B 393 27.31 -1.20 14.10
CA GLU B 393 25.93 -1.64 14.15
C GLU B 393 25.19 -1.03 12.97
N TYR B 394 24.61 -1.90 12.15
CA TYR B 394 23.82 -1.49 10.99
C TYR B 394 22.78 -2.56 10.72
N ARG B 395 21.76 -2.21 9.95
CA ARG B 395 20.77 -3.19 9.52
C ARG B 395 20.43 -3.00 8.04
N SER B 396 20.54 -4.09 7.27
CA SER B 396 20.13 -4.07 5.88
C SER B 396 18.60 -3.99 5.75
N ILE B 397 18.17 -3.68 4.53
CA ILE B 397 16.76 -3.70 4.15
C ILE B 397 16.12 -5.09 4.33
N GLN B 398 16.92 -6.15 4.20
CA GLN B 398 16.45 -7.52 4.42
C GLN B 398 16.68 -8.02 5.86
N HIS B 399 16.90 -7.11 6.81
CA HIS B 399 17.02 -7.41 8.25
C HIS B 399 18.25 -8.26 8.59
N TYR B 400 19.41 -7.82 8.08
CA TYR B 400 20.70 -8.46 8.32
C TYR B 400 21.66 -7.43 8.86
N ASN B 401 22.47 -7.82 9.83
CA ASN B 401 23.45 -6.92 10.41
C ASN B 401 24.90 -7.30 10.15
N ASP B 402 25.14 -8.28 9.28
CA ASP B 402 26.49 -8.87 9.12
C ASP B 402 26.82 -9.29 7.67
N ASN B 403 26.17 -8.63 6.71
CA ASN B 403 26.15 -9.10 5.32
C ASN B 403 26.92 -8.27 4.30
N VAL B 404 27.72 -7.31 4.77
CA VAL B 404 28.41 -6.37 3.87
C VAL B 404 29.94 -6.61 3.84
N ILE B 405 30.49 -6.78 2.64
CA ILE B 405 31.94 -6.92 2.40
C ILE B 405 32.69 -5.71 2.97
N ASN B 406 33.87 -5.96 3.53
CA ASN B 406 34.73 -4.88 4.02
C ASN B 406 35.75 -4.44 2.97
N PRO B 407 35.61 -3.20 2.43
CA PRO B 407 36.51 -2.68 1.39
C PRO B 407 37.92 -2.29 1.84
N ALA B 408 38.22 -2.41 3.13
CA ALA B 408 39.56 -2.17 3.65
C ALA B 408 40.40 -3.43 3.86
N LEU B 409 39.76 -4.61 3.85
CA LEU B 409 40.46 -5.87 4.04
C LEU B 409 41.06 -6.35 2.73
N PRO B 410 42.33 -6.85 2.76
CA PRO B 410 42.95 -7.38 1.54
C PRO B 410 42.29 -8.69 1.07
N GLY B 411 41.76 -9.47 2.01
CA GLY B 411 41.00 -10.67 1.70
C GLY B 411 39.73 -10.46 0.88
N SER B 412 39.11 -9.27 1.03
CA SER B 412 37.95 -8.91 0.21
C SER B 412 38.32 -8.77 -1.25
N TYR B 413 39.54 -8.30 -1.49
CA TYR B 413 40.09 -8.16 -2.84
C TYR B 413 40.53 -9.49 -3.43
N GLU B 414 41.10 -10.37 -2.62
CA GLU B 414 41.43 -11.75 -3.03
C GLU B 414 40.19 -12.50 -3.49
N PHE B 415 39.16 -12.47 -2.64
CA PHE B 415 37.85 -13.09 -2.91
C PHE B 415 37.25 -12.65 -4.25
N ILE B 416 37.11 -11.34 -4.43
CA ILE B 416 36.44 -10.80 -5.61
C ILE B 416 37.23 -11.05 -6.90
N ASP B 417 38.54 -10.84 -6.86
CA ASP B 417 39.41 -11.13 -8.00
C ASP B 417 39.31 -12.58 -8.44
N LYS B 418 39.41 -13.49 -7.48
CA LYS B 418 39.34 -14.93 -7.75
C LYS B 418 38.02 -15.38 -8.36
N VAL B 419 36.91 -14.88 -7.80
CA VAL B 419 35.57 -15.17 -8.30
C VAL B 419 35.38 -14.61 -9.72
N LEU B 420 35.65 -13.33 -9.89
CA LEU B 420 35.48 -12.67 -11.18
C LEU B 420 36.32 -13.29 -12.32
N GLU B 421 37.49 -13.82 -11.98
CA GLU B 421 38.33 -14.55 -12.92
C GLU B 421 37.69 -15.83 -13.44
N GLU B 422 37.19 -16.64 -12.52
CA GLU B 422 36.49 -17.88 -12.89
C GLU B 422 35.14 -17.63 -13.57
N ILE B 423 34.41 -16.60 -13.12
CA ILE B 423 33.17 -16.18 -13.79
C ILE B 423 33.42 -15.68 -15.22
N ALA B 424 34.45 -14.87 -15.41
CA ALA B 424 34.82 -14.35 -16.74
C ALA B 424 35.15 -15.47 -17.75
N ALA B 425 35.97 -16.43 -17.30
CA ALA B 425 36.33 -17.58 -18.11
C ALA B 425 35.17 -18.55 -18.33
N LEU B 426 34.33 -18.75 -17.32
CA LEU B 426 33.15 -19.62 -17.45
C LEU B 426 32.07 -19.06 -18.38
N PHE B 427 31.78 -17.77 -18.25
CA PHE B 427 30.69 -17.13 -18.99
C PHE B 427 31.21 -16.40 -20.23
N PRO B 428 30.85 -16.88 -21.44
CA PRO B 428 31.34 -16.23 -22.66
C PRO B 428 30.75 -14.86 -22.96
N ALA B 429 29.58 -14.54 -22.42
CA ALA B 429 28.96 -13.21 -22.62
C ALA B 429 29.91 -12.12 -22.12
N PRO B 430 30.07 -11.02 -22.87
CA PRO B 430 31.02 -9.97 -22.47
C PRO B 430 30.51 -9.04 -21.36
N TYR B 431 29.55 -9.48 -20.56
CA TYR B 431 28.98 -8.69 -19.48
C TYR B 431 28.99 -9.48 -18.19
N VAL B 432 29.33 -8.80 -17.09
CA VAL B 432 29.18 -9.35 -15.76
C VAL B 432 28.50 -8.31 -14.88
N HIS B 433 27.47 -8.74 -14.15
CA HIS B 433 26.70 -7.88 -13.26
C HIS B 433 27.29 -8.03 -11.85
N ILE B 434 27.69 -6.91 -11.27
CA ILE B 434 28.41 -6.86 -9.99
C ILE B 434 27.50 -6.50 -8.79
N GLY B 435 26.25 -6.21 -9.07
CA GLY B 435 25.25 -5.92 -8.04
C GLY B 435 25.23 -4.42 -7.81
N ALA B 436 26.12 -3.97 -6.93
CA ALA B 436 26.30 -2.55 -6.60
C ALA B 436 25.06 -1.89 -5.95
N ASP B 437 24.34 -2.67 -5.15
CA ASP B 437 23.22 -2.18 -4.36
C ASP B 437 23.72 -1.21 -3.31
N GLU B 438 22.82 -0.33 -2.86
N GLU B 438 22.84 -0.31 -2.86
CA GLU B 438 23.08 0.67 -1.81
CA GLU B 438 23.19 0.67 -1.82
C GLU B 438 23.36 -0.06 -0.49
C GLU B 438 23.42 -0.10 -0.55
N VAL B 439 24.49 0.26 0.15
CA VAL B 439 24.87 -0.41 1.38
C VAL B 439 24.01 0.14 2.51
N PRO B 440 23.83 -0.66 3.56
CA PRO B 440 23.00 -0.17 4.65
C PRO B 440 23.59 1.07 5.29
N ASN B 441 22.70 1.85 5.88
CA ASN B 441 23.10 3.07 6.55
C ASN B 441 24.10 2.84 7.72
N GLY B 442 25.22 3.55 7.66
CA GLY B 442 26.20 3.53 8.75
C GLY B 442 27.30 2.49 8.65
N VAL B 443 27.25 1.66 7.60
CA VAL B 443 28.19 0.55 7.43
C VAL B 443 29.65 1.07 7.33
N TRP B 444 30.56 0.31 7.93
CA TRP B 444 32.01 0.61 7.96
C TRP B 444 32.45 1.75 8.89
N SER B 445 31.51 2.41 9.58
CA SER B 445 31.83 3.60 10.39
C SER B 445 32.60 3.31 11.68
N LYS B 446 32.45 2.09 12.24
CA LYS B 446 33.25 1.64 13.39
C LYS B 446 34.34 0.62 13.02
N SER B 447 34.71 0.52 11.75
CA SER B 447 35.75 -0.40 11.30
C SER B 447 37.10 0.31 11.33
N PRO B 448 38.10 -0.22 12.09
CA PRO B 448 39.45 0.36 12.12
C PRO B 448 40.16 0.39 10.77
N ALA B 449 40.09 -0.71 10.04
CA ALA B 449 40.69 -0.77 8.70
C ALA B 449 40.10 0.27 7.75
N CYS B 450 38.76 0.42 7.76
CA CYS B 450 38.07 1.42 6.93
C CYS B 450 38.40 2.87 7.32
N GLN B 451 38.49 3.14 8.62
CA GLN B 451 38.97 4.44 9.14
C GLN B 451 40.35 4.80 8.59
N ALA B 452 41.26 3.82 8.60
CA ALA B 452 42.61 3.99 8.06
C ALA B 452 42.60 4.21 6.54
N LEU B 453 41.82 3.40 5.82
CA LEU B 453 41.72 3.52 4.36
C LEU B 453 41.13 4.87 3.93
N MET B 454 40.23 5.39 4.73
CA MET B 454 39.64 6.69 4.49
C MET B 454 40.66 7.84 4.59
N GLU B 455 41.49 7.76 5.63
CA GLU B 455 42.63 8.68 5.83
C GLU B 455 43.63 8.62 4.66
N GLN B 456 43.92 7.40 4.18
CA GLN B 456 44.77 7.24 3.01
C GLN B 456 44.15 7.88 1.76
N LEU B 457 42.87 7.65 1.55
CA LEU B 457 42.16 8.14 0.36
C LEU B 457 41.65 9.58 0.45
N GLY B 458 41.62 10.12 1.66
CA GLY B 458 41.12 11.48 1.90
C GLY B 458 39.62 11.63 1.71
N TYR B 459 38.86 10.58 2.02
CA TYR B 459 37.40 10.64 1.97
C TYR B 459 36.84 11.13 3.31
N THR B 460 35.74 11.85 3.23
CA THR B 460 35.02 12.36 4.40
C THR B 460 33.93 11.38 4.83
N ASP B 461 33.25 10.78 3.84
CA ASP B 461 32.08 9.92 4.05
C ASP B 461 32.42 8.44 3.84
N TYR B 462 31.98 7.58 4.75
CA TYR B 462 32.16 6.11 4.68
C TYR B 462 31.52 5.45 3.46
N LYS B 463 30.45 6.07 2.95
CA LYS B 463 29.82 5.69 1.69
C LYS B 463 30.75 5.68 0.47
N GLU B 464 31.80 6.49 0.49
CA GLU B 464 32.78 6.55 -0.61
C GLU B 464 33.64 5.31 -0.78
N LEU B 465 33.76 4.50 0.28
CA LEU B 465 34.45 3.22 0.20
C LEU B 465 33.78 2.27 -0.83
N GLN B 466 32.46 2.37 -0.96
CA GLN B 466 31.71 1.65 -2.00
C GLN B 466 32.34 1.84 -3.36
N GLY B 467 32.56 3.10 -3.70
CA GLY B 467 33.06 3.47 -5.01
C GLY B 467 34.45 2.93 -5.23
N HIS B 468 35.26 2.99 -4.18
CA HIS B 468 36.60 2.44 -4.21
C HIS B 468 36.58 0.94 -4.53
N PHE B 469 35.68 0.20 -3.89
CA PHE B 469 35.59 -1.25 -4.12
C PHE B 469 35.05 -1.60 -5.50
N LEU B 470 34.02 -0.85 -5.94
CA LEU B 470 33.36 -1.10 -7.22
C LEU B 470 34.23 -0.72 -8.41
N ARG B 471 34.99 0.35 -8.26
CA ARG B 471 35.99 0.74 -9.25
C ARG B 471 37.06 -0.33 -9.45
N HIS B 472 37.48 -0.95 -8.35
CA HIS B 472 38.42 -2.05 -8.44
C HIS B 472 37.81 -3.24 -9.21
N ALA B 473 36.55 -3.58 -8.89
CA ALA B 473 35.81 -4.62 -9.62
C ALA B 473 35.68 -4.31 -11.11
N GLU B 474 35.32 -3.06 -11.44
CA GLU B 474 35.22 -2.64 -12.84
C GLU B 474 36.55 -2.72 -13.60
N ASP B 475 37.62 -2.27 -12.96
CA ASP B 475 38.96 -2.32 -13.57
C ASP B 475 39.47 -3.76 -13.74
N LYS B 476 39.11 -4.63 -12.80
CA LYS B 476 39.40 -6.05 -12.91
C LYS B 476 38.67 -6.72 -14.08
N LEU B 477 37.37 -6.45 -14.19
CA LEU B 477 36.55 -6.98 -15.27
C LEU B 477 37.02 -6.54 -16.65
N ARG B 478 37.46 -5.29 -16.75
CA ARG B 478 38.03 -4.71 -17.98
C ARG B 478 39.28 -5.49 -18.46
N LYS B 479 40.18 -5.81 -17.53
CA LYS B 479 41.35 -6.65 -17.81
C LYS B 479 40.99 -8.07 -18.25
N LEU B 480 39.88 -8.56 -17.72
CA LEU B 480 39.27 -9.83 -18.15
C LEU B 480 38.43 -9.74 -19.43
N GLY B 481 38.26 -8.54 -19.98
CA GLY B 481 37.58 -8.32 -21.26
C GLY B 481 36.07 -8.15 -21.14
N LYS B 482 35.59 -7.91 -19.91
CA LYS B 482 34.17 -7.84 -19.61
C LYS B 482 33.74 -6.42 -19.31
N ARG B 483 32.54 -6.05 -19.78
CA ARG B 483 31.92 -4.79 -19.40
C ARG B 483 31.14 -5.02 -18.11
N MET B 484 31.19 -4.07 -17.18
CA MET B 484 30.49 -4.22 -15.90
C MET B 484 29.03 -3.77 -16.02
N LEU B 485 28.13 -4.52 -15.38
CA LEU B 485 26.73 -4.12 -15.25
C LEU B 485 26.44 -3.90 -13.76
N GLY B 486 25.41 -3.12 -13.46
CA GLY B 486 25.08 -2.77 -12.07
C GLY B 486 23.65 -2.31 -11.86
N TRP B 487 23.22 -2.36 -10.60
CA TRP B 487 21.91 -1.87 -10.22
C TRP B 487 21.96 -0.36 -10.08
N GLU B 488 20.79 0.24 -10.07
CA GLU B 488 20.59 1.69 -10.04
C GLU B 488 21.56 2.60 -9.29
N GLU B 489 21.83 2.24 -8.04
CA GLU B 489 22.63 3.07 -7.13
C GLU B 489 24.04 3.37 -7.62
N ALA B 490 24.59 2.41 -8.36
CA ALA B 490 25.89 2.52 -9.00
C ALA B 490 26.13 3.85 -9.69
N GLN B 491 25.09 4.41 -10.29
CA GLN B 491 25.20 5.69 -11.01
C GLN B 491 25.49 6.90 -10.13
N HIS B 492 25.13 6.81 -8.85
CA HIS B 492 25.31 7.91 -7.91
C HIS B 492 26.74 7.92 -7.44
N GLY B 493 27.20 9.06 -6.93
CA GLY B 493 28.60 9.26 -6.58
C GLY B 493 29.45 9.16 -7.83
N ASN B 494 30.69 8.69 -7.70
CA ASN B 494 31.52 8.34 -8.87
C ASN B 494 32.01 6.89 -8.76
N LYS B 495 31.06 6.03 -8.42
CA LYS B 495 31.32 4.65 -8.01
C LYS B 495 31.74 3.75 -9.16
N VAL B 496 31.20 4.04 -10.35
CA VAL B 496 31.54 3.31 -11.56
C VAL B 496 31.67 4.33 -12.68
N SER B 497 32.42 3.97 -13.71
CA SER B 497 32.56 4.82 -14.89
C SER B 497 31.28 4.81 -15.71
N LYS B 498 31.24 5.69 -16.72
CA LYS B 498 30.12 5.75 -17.66
C LYS B 498 30.03 4.55 -18.60
N ASP B 499 31.00 3.63 -18.53
CA ASP B 499 30.92 2.33 -19.23
C ASP B 499 30.08 1.28 -18.53
N THR B 500 29.80 1.45 -17.24
CA THR B 500 28.97 0.51 -16.51
C THR B 500 27.49 0.65 -16.93
N VAL B 501 26.88 -0.46 -17.33
CA VAL B 501 25.48 -0.47 -17.70
C VAL B 501 24.63 -0.48 -16.42
N ILE B 502 23.62 0.38 -16.40
CA ILE B 502 22.77 0.61 -15.22
C ILE B 502 21.38 -0.02 -15.40
N TYR B 503 21.01 -0.91 -14.48
CA TYR B 503 19.69 -1.54 -14.47
C TYR B 503 18.79 -0.72 -13.57
N SER B 504 17.87 0.00 -14.19
CA SER B 504 17.02 0.96 -13.50
C SER B 504 15.67 0.36 -13.13
N TRP B 505 15.35 0.31 -11.82
CA TRP B 505 14.01 -0.11 -11.34
C TRP B 505 13.14 0.99 -10.73
N LEU B 506 13.69 2.18 -10.46
CA LEU B 506 12.93 3.24 -9.78
C LEU B 506 11.78 3.78 -10.64
N SER B 507 12.14 4.32 -11.79
CA SER B 507 11.20 5.05 -12.65
C SER B 507 11.82 5.27 -14.04
N GLU B 508 10.95 5.57 -15.00
CA GLU B 508 11.41 5.84 -16.35
C GLU B 508 12.19 7.17 -16.45
N GLU B 509 11.72 8.20 -15.75
CA GLU B 509 12.42 9.47 -15.69
C GLU B 509 13.79 9.35 -15.00
N ALA B 510 13.90 8.48 -13.99
CA ALA B 510 15.19 8.21 -13.38
C ALA B 510 16.12 7.53 -14.38
N ALA B 511 15.60 6.54 -15.08
CA ALA B 511 16.36 5.83 -16.14
C ALA B 511 16.84 6.78 -17.23
N LEU B 512 15.92 7.57 -17.79
CA LEU B 512 16.26 8.60 -18.77
C LEU B 512 17.27 9.64 -18.24
N ASN B 513 17.08 10.07 -16.99
CA ASN B 513 18.04 10.96 -16.32
C ASN B 513 19.43 10.37 -16.34
N CYS B 514 19.47 9.07 -16.07
CA CYS B 514 20.68 8.30 -16.04
C CYS B 514 21.29 8.20 -17.45
N ALA B 515 20.47 7.91 -18.45
CA ALA B 515 20.90 7.89 -19.84
C ALA B 515 21.53 9.24 -20.31
N ARG B 516 20.87 10.36 -19.98
CA ARG B 516 21.39 11.70 -20.28
C ARG B 516 22.79 12.01 -19.72
N GLN B 517 23.15 11.34 -18.61
CA GLN B 517 24.51 11.40 -18.05
CA GLN B 517 24.50 11.41 -18.05
C GLN B 517 25.55 10.62 -18.84
N GLY B 518 25.10 9.69 -19.69
CA GLY B 518 25.99 8.92 -20.55
C GLY B 518 26.14 7.44 -20.22
N PHE B 519 25.33 6.93 -19.29
CA PHE B 519 25.30 5.51 -19.02
C PHE B 519 24.39 4.82 -20.04
N ASP B 520 24.71 3.58 -20.35
CA ASP B 520 23.76 2.69 -21.00
C ASP B 520 22.84 2.08 -19.95
N VAL B 521 21.58 1.93 -20.28
CA VAL B 521 20.55 1.63 -19.30
C VAL B 521 19.65 0.50 -19.77
N VAL B 522 19.27 -0.35 -18.80
CA VAL B 522 18.23 -1.36 -18.98
C VAL B 522 17.06 -1.00 -18.05
N LEU B 523 15.86 -0.96 -18.61
CA LEU B 523 14.68 -0.63 -17.84
C LEU B 523 14.09 -1.89 -17.24
N GLN B 524 13.99 -1.90 -15.90
CA GLN B 524 13.37 -3.00 -15.13
C GLN B 524 12.53 -2.42 -13.98
N PRO B 525 11.50 -1.61 -14.29
CA PRO B 525 10.72 -0.93 -13.24
C PRO B 525 10.00 -1.91 -12.32
N ALA B 526 10.17 -1.73 -11.00
CA ALA B 526 9.58 -2.61 -10.00
C ALA B 526 8.04 -2.67 -10.10
N GLN B 527 7.47 -1.51 -10.37
CA GLN B 527 6.04 -1.32 -10.42
C GLN B 527 5.36 -2.13 -11.54
N THR B 528 6.07 -2.39 -12.64
CA THR B 528 5.48 -3.17 -13.76
C THR B 528 6.17 -4.46 -14.20
N THR B 529 7.40 -4.73 -13.75
CA THR B 529 8.15 -5.91 -14.23
C THR B 529 8.56 -6.94 -13.17
N TYR B 530 8.14 -6.73 -11.92
CA TYR B 530 8.48 -7.66 -10.84
C TYR B 530 7.42 -8.74 -10.78
N LEU B 531 7.76 -9.90 -11.33
CA LEU B 531 6.85 -11.03 -11.42
C LEU B 531 6.57 -11.74 -10.09
N ASP B 532 7.33 -11.38 -9.05
CA ASP B 532 7.06 -11.85 -7.69
C ASP B 532 5.85 -11.18 -7.05
N MET B 533 5.41 -10.09 -7.66
CA MET B 533 4.22 -9.39 -7.21
C MET B 533 2.95 -10.20 -7.50
N THR B 534 1.99 -10.15 -6.57
CA THR B 534 0.70 -10.82 -6.71
C THR B 534 -0.02 -10.47 -8.01
N GLN B 535 -0.83 -11.42 -8.49
CA GLN B 535 -1.56 -11.28 -9.74
C GLN B 535 -3.00 -10.80 -9.61
N ASP B 536 -3.55 -10.87 -8.41
CA ASP B 536 -4.92 -10.44 -8.18
C ASP B 536 -5.05 -9.90 -6.75
N TYR B 537 -6.16 -9.23 -6.48
CA TYR B 537 -6.43 -8.61 -5.18
C TYR B 537 -6.92 -9.57 -4.09
N ALA B 538 -7.39 -10.75 -4.49
CA ALA B 538 -7.83 -11.76 -3.54
C ALA B 538 -6.73 -12.16 -2.52
N PRO B 539 -7.09 -12.30 -1.23
CA PRO B 539 -6.10 -12.67 -0.20
C PRO B 539 -5.38 -14.01 -0.41
N GLU B 540 -5.98 -14.92 -1.16
CA GLU B 540 -5.39 -16.26 -1.45
C GLU B 540 -4.31 -16.25 -2.53
N GLU B 541 -4.19 -15.16 -3.28
CA GLU B 541 -3.18 -15.10 -4.33
C GLU B 541 -1.79 -15.09 -3.71
N PRO B 542 -0.89 -15.97 -4.19
CA PRO B 542 0.50 -15.95 -3.72
C PRO B 542 1.31 -14.77 -4.26
N GLY B 543 2.34 -14.42 -3.50
CA GLY B 543 3.31 -13.42 -3.89
C GLY B 543 3.43 -12.32 -2.87
N VAL B 544 4.02 -11.21 -3.32
CA VAL B 544 4.21 -10.04 -2.48
C VAL B 544 3.52 -8.83 -3.15
N ASP B 545 3.42 -7.75 -2.39
CA ASP B 545 2.74 -6.55 -2.88
C ASP B 545 3.36 -5.21 -2.54
N TRP B 546 4.61 -5.18 -2.07
CA TRP B 546 5.23 -3.90 -1.63
C TRP B 546 5.27 -2.85 -2.75
N ALA B 547 5.55 -3.30 -3.97
CA ALA B 547 5.55 -2.45 -5.15
C ALA B 547 4.15 -2.23 -5.71
N ASN B 548 3.20 -2.98 -5.18
CA ASN B 548 1.77 -3.03 -5.52
C ASN B 548 1.45 -4.33 -6.26
N PRO B 549 0.21 -4.80 -6.15
CA PRO B 549 -0.18 -5.95 -6.96
C PRO B 549 -0.01 -5.67 -8.46
N LEU B 550 0.31 -6.71 -9.22
CA LEU B 550 0.59 -6.57 -10.63
C LEU B 550 -0.27 -7.54 -11.44
N PRO B 551 -1.56 -7.22 -11.61
CA PRO B 551 -2.41 -8.05 -12.47
C PRO B 551 -2.03 -7.90 -13.92
N LEU B 552 -2.46 -8.85 -14.72
CA LEU B 552 -2.12 -8.93 -16.13
C LEU B 552 -2.41 -7.64 -16.91
N GLU B 553 -3.56 -7.01 -16.65
CA GLU B 553 -3.92 -5.75 -17.33
C GLU B 553 -2.91 -4.62 -17.01
N LYS B 554 -2.47 -4.52 -15.76
CA LYS B 554 -1.47 -3.51 -15.41
C LYS B 554 -0.12 -3.80 -16.12
N ALA B 555 0.24 -5.09 -16.16
CA ALA B 555 1.43 -5.55 -16.84
C ALA B 555 1.40 -5.14 -18.28
N TYR B 556 0.30 -5.43 -18.97
CA TYR B 556 0.17 -5.11 -20.38
C TYR B 556 0.15 -3.61 -20.67
N ASN B 557 -0.43 -2.83 -19.77
CA ASN B 557 -0.46 -1.38 -19.91
C ASN B 557 0.89 -0.70 -19.75
N TYR B 558 1.88 -1.41 -19.23
CA TYR B 558 3.24 -0.89 -19.22
C TYR B 558 3.72 -0.64 -20.65
N GLU B 559 4.08 0.59 -20.96
CA GLU B 559 4.45 0.98 -22.31
C GLU B 559 5.75 1.80 -22.30
N PRO B 560 6.92 1.12 -22.30
CA PRO B 560 8.19 1.83 -22.12
C PRO B 560 8.48 2.88 -23.19
N LEU B 561 8.72 4.10 -22.74
CA LEU B 561 9.14 5.23 -23.59
C LEU B 561 8.04 5.64 -24.58
N ALA B 562 6.82 5.76 -24.06
CA ALA B 562 5.64 6.10 -24.86
C ALA B 562 5.72 7.53 -25.41
N GLU B 563 6.17 8.47 -24.58
CA GLU B 563 6.35 9.88 -24.96
C GLU B 563 7.77 10.26 -25.41
N VAL B 564 8.64 9.27 -25.63
CA VAL B 564 9.99 9.53 -26.15
C VAL B 564 9.92 9.38 -27.68
N PRO B 565 10.16 10.48 -28.44
CA PRO B 565 10.09 10.43 -29.92
C PRO B 565 10.94 9.29 -30.52
N ALA B 566 10.44 8.69 -31.60
CA ALA B 566 11.06 7.48 -32.21
C ALA B 566 12.55 7.64 -32.57
N ASP B 567 12.91 8.84 -33.04
CA ASP B 567 14.29 9.20 -33.45
C ASP B 567 15.04 10.06 -32.40
N ASP B 568 14.58 10.04 -31.15
CA ASP B 568 15.24 10.77 -30.06
C ASP B 568 16.61 10.13 -29.84
N PRO B 569 17.69 10.93 -29.96
CA PRO B 569 19.03 10.39 -29.78
C PRO B 569 19.26 9.62 -28.48
N ILE B 570 18.50 9.93 -27.42
CA ILE B 570 18.63 9.23 -26.12
C ILE B 570 18.32 7.73 -26.16
N ARG B 571 17.54 7.28 -27.14
CA ARG B 571 17.25 5.85 -27.30
C ARG B 571 18.47 5.01 -27.61
N LYS B 572 19.51 5.64 -28.13
CA LYS B 572 20.80 4.97 -28.27
C LYS B 572 21.34 4.40 -26.96
N ARG B 573 21.05 5.06 -25.84
CA ARG B 573 21.50 4.65 -24.51
C ARG B 573 20.59 3.61 -23.83
N ILE B 574 19.37 3.44 -24.33
CA ILE B 574 18.43 2.47 -23.78
C ILE B 574 18.63 1.12 -24.46
N TRP B 575 19.29 0.20 -23.76
CA TRP B 575 19.51 -1.17 -24.25
C TRP B 575 18.21 -1.88 -24.51
N GLY B 576 17.29 -1.72 -23.58
CA GLY B 576 16.03 -2.43 -23.64
C GLY B 576 15.44 -2.66 -22.28
N ILE B 577 14.71 -3.78 -22.16
CA ILE B 577 13.74 -3.99 -21.10
C ILE B 577 14.03 -5.33 -20.45
N GLN B 578 13.76 -5.41 -19.15
CA GLN B 578 13.90 -6.66 -18.42
C GLN B 578 12.77 -6.90 -17.41
N THR B 579 12.44 -8.17 -17.21
CA THR B 579 11.47 -8.58 -16.22
C THR B 579 12.20 -9.50 -15.24
N ALA B 580 11.76 -9.50 -13.99
CA ALA B 580 12.49 -10.21 -12.94
C ALA B 580 11.59 -11.03 -12.00
N LEU B 581 12.10 -12.19 -11.59
CA LEU B 581 11.44 -13.05 -10.62
C LEU B 581 12.33 -13.21 -9.41
N TRP B 582 11.95 -12.55 -8.32
CA TRP B 582 12.61 -12.66 -7.03
C TRP B 582 11.94 -13.81 -6.25
N CYS B 583 12.75 -14.68 -5.64
CA CYS B 583 12.27 -16.00 -5.22
C CYS B 583 12.14 -16.25 -3.72
N GLU B 584 11.99 -15.18 -2.94
CA GLU B 584 11.73 -15.26 -1.48
C GLU B 584 10.64 -16.26 -1.09
N ILE B 585 9.57 -16.32 -1.87
CA ILE B 585 8.47 -17.28 -1.57
C ILE B 585 8.14 -18.20 -2.75
N ILE B 586 9.09 -18.36 -3.65
CA ILE B 586 8.97 -19.27 -4.78
C ILE B 586 10.08 -20.34 -4.61
N ASN B 587 9.68 -21.57 -4.32
CA ASN B 587 10.64 -22.66 -4.10
C ASN B 587 10.33 -23.94 -4.89
N ASN B 588 9.44 -23.86 -5.88
CA ASN B 588 9.09 -25.03 -6.67
C ASN B 588 8.57 -24.66 -8.05
N PRO B 589 8.72 -25.57 -9.02
CA PRO B 589 8.33 -25.29 -10.41
C PRO B 589 6.85 -24.95 -10.65
N SER B 590 5.96 -25.46 -9.81
CA SER B 590 4.52 -25.18 -9.92
C SER B 590 4.23 -23.70 -9.61
N ARG B 591 4.72 -23.24 -8.46
CA ARG B 591 4.59 -21.85 -8.08
C ARG B 591 5.34 -20.91 -9.03
N MET B 592 6.55 -21.29 -9.41
CA MET B 592 7.31 -20.47 -10.38
C MET B 592 6.57 -20.23 -11.70
N ASP B 593 6.03 -21.29 -12.32
CA ASP B 593 5.20 -21.19 -13.52
C ASP B 593 4.03 -20.24 -13.29
N TYR B 594 3.35 -20.46 -12.17
CA TYR B 594 2.19 -19.65 -11.78
C TYR B 594 2.51 -18.17 -11.76
N MET B 595 3.65 -17.81 -11.17
CA MET B 595 4.04 -16.41 -11.10
C MET B 595 4.51 -15.85 -12.44
N ILE B 596 5.22 -16.64 -13.25
CA ILE B 596 5.82 -16.16 -14.51
C ILE B 596 4.77 -16.01 -15.61
N PHE B 597 3.86 -16.97 -15.70
CA PHE B 597 2.89 -17.01 -16.78
C PHE B 597 1.47 -16.73 -16.27
N PRO B 598 0.68 -15.90 -16.97
CA PRO B 598 0.96 -15.42 -18.35
C PRO B 598 1.61 -14.04 -18.48
N ARG B 599 2.02 -13.42 -17.38
CA ARG B 599 2.51 -12.04 -17.46
C ARG B 599 3.79 -11.91 -18.29
N LEU B 600 4.64 -12.94 -18.31
CA LEU B 600 5.87 -12.91 -19.12
C LEU B 600 5.59 -12.62 -20.58
N THR B 601 4.44 -13.06 -21.10
CA THR B 601 4.06 -12.81 -22.50
C THR B 601 3.77 -11.33 -22.78
N ALA B 602 3.20 -10.66 -21.78
CA ALA B 602 2.96 -9.22 -21.82
C ALA B 602 4.27 -8.45 -21.76
N MET B 603 5.20 -8.93 -20.96
CA MET B 603 6.52 -8.32 -20.86
C MET B 603 7.26 -8.44 -22.19
N ALA B 604 7.13 -9.60 -22.82
CA ALA B 604 7.71 -9.90 -24.12
C ALA B 604 7.18 -9.01 -25.22
N GLU B 605 5.87 -8.77 -25.20
CA GLU B 605 5.22 -7.87 -26.15
C GLU B 605 5.67 -6.42 -25.95
N ALA B 606 5.81 -5.98 -24.71
CA ALA B 606 6.42 -4.66 -24.43
C ALA B 606 7.83 -4.54 -24.99
N CYS B 607 8.64 -5.57 -24.76
CA CYS B 607 10.00 -5.69 -25.31
C CYS B 607 10.12 -5.62 -26.82
N TRP B 608 9.21 -6.30 -27.51
CA TRP B 608 9.35 -6.63 -28.92
C TRP B 608 8.48 -5.77 -29.85
N THR B 609 7.17 -5.69 -29.53
CA THR B 609 6.15 -5.10 -30.44
C THR B 609 6.05 -3.57 -30.34
N GLU B 610 6.00 -2.90 -31.49
CA GLU B 610 5.81 -1.44 -31.50
C GLU B 610 4.43 -1.10 -30.89
N LYS B 611 4.37 0.05 -30.20
CA LYS B 611 3.17 0.53 -29.50
CA LYS B 611 3.17 0.50 -29.50
C LYS B 611 1.92 0.57 -30.38
N GLN B 612 2.07 1.02 -31.63
CA GLN B 612 0.95 1.11 -32.60
C GLN B 612 0.22 -0.22 -32.89
N HIS B 613 0.91 -1.34 -32.70
CA HIS B 613 0.34 -2.69 -32.89
C HIS B 613 -0.07 -3.35 -31.58
N ARG B 614 0.04 -2.61 -30.47
CA ARG B 614 -0.38 -3.13 -29.17
C ARG B 614 -1.85 -2.79 -28.88
N ASP B 615 -2.57 -3.77 -28.39
CA ASP B 615 -3.94 -3.56 -27.93
C ASP B 615 -4.31 -4.63 -26.90
N TRP B 616 -4.96 -4.20 -25.82
CA TRP B 616 -5.29 -5.08 -24.69
C TRP B 616 -6.24 -6.20 -25.05
N THR B 617 -7.34 -5.83 -25.70
CA THR B 617 -8.37 -6.77 -26.20
C THR B 617 -7.78 -7.78 -27.22
N ASP B 618 -6.97 -7.28 -28.15
CA ASP B 618 -6.29 -8.12 -29.14
C ASP B 618 -5.29 -9.06 -28.45
N TYR B 619 -4.55 -8.51 -27.49
CA TYR B 619 -3.63 -9.31 -26.68
C TYR B 619 -4.34 -10.43 -25.98
N LEU B 620 -5.42 -10.11 -25.27
CA LEU B 620 -6.22 -11.14 -24.58
C LEU B 620 -6.69 -12.28 -25.50
N SER B 621 -7.09 -11.94 -26.75
CA SER B 621 -7.57 -12.96 -27.70
C SER B 621 -6.44 -13.87 -28.18
N ARG B 622 -5.26 -13.30 -28.42
CA ARG B 622 -4.05 -14.10 -28.72
C ARG B 622 -3.59 -14.93 -27.54
N LEU B 623 -3.66 -14.38 -26.33
CA LEU B 623 -3.33 -15.14 -25.12
C LEU B 623 -4.24 -16.35 -24.96
N LYS B 624 -5.53 -16.17 -25.22
CA LYS B 624 -6.51 -17.26 -25.10
C LYS B 624 -6.24 -18.41 -26.07
N GLY B 625 -5.96 -18.06 -27.34
CA GLY B 625 -5.54 -19.05 -28.34
C GLY B 625 -4.20 -19.71 -28.07
N HIS B 626 -3.35 -19.05 -27.29
CA HIS B 626 -2.03 -19.57 -26.92
C HIS B 626 -2.06 -20.56 -25.75
N LEU B 627 -3.02 -20.44 -24.84
CA LEU B 627 -3.05 -21.28 -23.61
C LEU B 627 -3.01 -22.80 -23.84
N PRO B 628 -3.66 -23.31 -24.90
CA PRO B 628 -3.58 -24.77 -25.16
C PRO B 628 -2.18 -25.26 -25.51
N LEU B 629 -1.37 -24.39 -26.10
CA LEU B 629 0.03 -24.71 -26.35
C LEU B 629 0.84 -24.77 -25.04
N LEU B 630 0.54 -23.85 -24.12
CA LEU B 630 1.08 -23.94 -22.74
C LEU B 630 0.60 -25.18 -21.98
N ASP B 631 -0.67 -25.54 -22.16
CA ASP B 631 -1.23 -26.77 -21.58
C ASP B 631 -0.53 -28.05 -22.08
N LEU B 632 -0.24 -28.12 -23.38
CA LEU B 632 0.52 -29.26 -23.93
C LEU B 632 1.91 -29.40 -23.32
N GLN B 633 2.54 -28.27 -22.98
CA GLN B 633 3.86 -28.30 -22.33
C GLN B 633 3.77 -28.52 -20.81
N GLY B 634 2.56 -28.51 -20.26
CA GLY B 634 2.32 -28.69 -18.84
C GLY B 634 2.77 -27.50 -18.00
N VAL B 635 2.67 -26.29 -18.56
CA VAL B 635 3.05 -25.08 -17.80
C VAL B 635 1.89 -24.69 -16.89
N ASN B 636 2.16 -24.56 -15.59
CA ASN B 636 1.17 -24.20 -14.57
C ASN B 636 0.97 -22.68 -14.48
N TYR B 637 0.50 -22.09 -15.57
CA TYR B 637 0.20 -20.66 -15.65
C TYR B 637 -1.05 -20.35 -14.83
N ARG B 638 -1.19 -19.11 -14.39
CA ARG B 638 -2.41 -18.66 -13.75
C ARG B 638 -3.48 -18.43 -14.82
N LYS B 639 -4.62 -19.11 -14.68
CA LYS B 639 -5.69 -19.01 -15.67
C LYS B 639 -6.35 -17.64 -15.67
N PRO B 640 -6.33 -16.93 -16.82
CA PRO B 640 -7.04 -15.65 -16.89
C PRO B 640 -8.55 -15.79 -16.79
N TRP B 641 -9.11 -16.87 -17.33
CA TRP B 641 -10.56 -17.12 -17.31
C TRP B 641 -10.83 -18.34 -16.42
N LYS B 642 -11.34 -18.06 -15.22
CA LYS B 642 -11.64 -19.08 -14.20
C LYS B 642 -12.61 -18.50 -13.17
#